data_1M0W
#
_entry.id   1M0W
#
_cell.length_a   51.661
_cell.length_b   52.006
_cell.length_c   100.636
_cell.angle_alpha   82.08
_cell.angle_beta   86.77
_cell.angle_gamma   77.49
#
_symmetry.space_group_name_H-M   'P 1'
#
loop_
_entity.id
_entity.type
_entity.pdbx_description
1 polymer 'glutathione synthetase'
2 non-polymer 'MAGNESIUM ION'
3 non-polymer 'SULFATE ION'
4 non-polymer 'PHOSPHOAMINOPHOSPHONIC ACID-ADENYLATE ESTER'
5 non-polymer GAMMA-GLUTAMYLCYSTEINE
6 water water
#
_entity_poly.entity_id   1
_entity_poly.type   'polypeptide(L)'
_entity_poly.pdbx_seq_one_letter_code
;MAHYPPSKDQLNELIQEVNQWAITNGLSMYPPKFEENPSNASVSPVTIYPTPIPRKCFDEAVQIQPVFNELYARITQDMA
QPDSYLHKTTEALALSDSEFTGKLWSLYLATLKSAQYKKQNFRLGIFRSDYLIDKKKGTEQIKQVEFNTVSVSFAGLSEK
VDRLHSYLNRANKYDPKGPIYNDQNMVISDSGYLLSKALAKAVESYKSQQSSSTTSDPIVAFIVQRNERNVFDQKVLELN
LLEKFGTKSVRLTFDDVNDKLFIDDKTGKLFIRDTEQEIAVVYYRTGYTTTDYTSEKDWEARLFLEKSFAIKAPDLLTQL
SGSKKIQQLLTDEGVLGKYISDAEKKSSLLKTFVKIYPLDDTKLGREGKRLALSEPSKYVLKPQREGGGNNVYKENIPNF
LKGIEERHWDAYILMELIEPELNENNIILRDNKSYNEPIISELGIYGCVLFNDEQVLSNEFSGSLLRSKFNTSNEGGVAA
GFGCLDSIILY
;
_entity_poly.pdbx_strand_id   A,B
#
loop_
_chem_comp.id
_chem_comp.type
_chem_comp.name
_chem_comp.formula
3GC non-polymer GAMMA-GLUTAMYLCYSTEINE 'C8 H14 N2 O5 S'
ANP non-polymer 'PHOSPHOAMINOPHOSPHONIC ACID-ADENYLATE ESTER' 'C10 H17 N6 O12 P3'
MG non-polymer 'MAGNESIUM ION' 'Mg 2'
SO4 non-polymer 'SULFATE ION' 'O4 S -2'
#
# COMPACT_ATOMS: atom_id res chain seq x y z
N PRO A 6 -24.24 12.83 -0.26
CA PRO A 6 -23.27 13.83 0.26
C PRO A 6 -23.35 15.11 -0.56
N SER A 7 -22.95 16.23 0.04
CA SER A 7 -22.94 17.51 -0.68
C SER A 7 -21.93 17.36 -1.81
N LYS A 8 -21.74 18.41 -2.59
CA LYS A 8 -20.76 18.33 -3.68
C LYS A 8 -19.35 18.35 -3.11
N ASP A 9 -19.11 19.26 -2.17
CA ASP A 9 -17.82 19.42 -1.53
C ASP A 9 -17.47 18.25 -0.60
N GLN A 10 -18.50 17.69 0.04
CA GLN A 10 -18.30 16.57 0.94
C GLN A 10 -17.86 15.35 0.13
N LEU A 11 -18.52 15.13 -0.99
CA LEU A 11 -18.19 14.00 -1.83
C LEU A 11 -16.76 14.10 -2.35
N ASN A 12 -16.36 15.31 -2.76
CA ASN A 12 -15.02 15.49 -3.29
C ASN A 12 -13.93 15.27 -2.25
N GLU A 13 -14.19 15.66 -1.00
CA GLU A 13 -13.20 15.45 0.05
C GLU A 13 -13.15 13.97 0.39
N LEU A 14 -14.31 13.33 0.39
CA LEU A 14 -14.41 11.90 0.68
C LEU A 14 -13.66 11.10 -0.40
N ILE A 15 -13.80 11.54 -1.65
CA ILE A 15 -13.12 10.89 -2.76
C ILE A 15 -11.59 10.99 -2.60
N GLN A 16 -11.09 12.14 -2.15
CA GLN A 16 -9.65 12.24 -1.99
C GLN A 16 -9.20 11.45 -0.77
N GLU A 17 -10.06 11.31 0.23
CA GLU A 17 -9.73 10.52 1.42
C GLU A 17 -9.56 9.09 0.98
N VAL A 18 -10.46 8.66 0.10
CA VAL A 18 -10.43 7.31 -0.43
C VAL A 18 -9.18 7.09 -1.27
N ASN A 19 -8.89 7.97 -2.23
CA ASN A 19 -7.68 7.79 -3.04
C ASN A 19 -6.44 7.72 -2.14
N GLN A 20 -6.35 8.63 -1.19
CA GLN A 20 -5.20 8.67 -0.29
C GLN A 20 -5.03 7.42 0.58
N TRP A 21 -6.10 6.95 1.18
CA TRP A 21 -6.01 5.77 2.03
C TRP A 21 -5.68 4.56 1.17
N ALA A 22 -6.35 4.44 0.03
CA ALA A 22 -6.17 3.31 -0.89
C ALA A 22 -4.72 3.21 -1.38
N ILE A 23 -4.15 4.32 -1.84
CA ILE A 23 -2.76 4.30 -2.32
C ILE A 23 -1.79 3.96 -1.18
N THR A 24 -2.03 4.54 0.00
CA THR A 24 -1.17 4.29 1.15
C THR A 24 -1.16 2.79 1.56
N ASN A 25 -2.27 2.14 1.32
CA ASN A 25 -2.47 0.74 1.69
C ASN A 25 -2.41 -0.29 0.56
N GLY A 26 -2.08 0.15 -0.65
CA GLY A 26 -1.99 -0.79 -1.75
C GLY A 26 -3.30 -1.34 -2.27
N LEU A 27 -4.40 -0.60 -2.00
CA LEU A 27 -5.69 -1.01 -2.55
C LEU A 27 -5.64 -0.54 -4.01
N SER A 28 -4.85 -1.24 -4.81
CA SER A 28 -4.53 -0.79 -6.15
C SER A 28 -4.57 -1.82 -7.24
N MET A 29 -4.48 -1.34 -8.48
CA MET A 29 -4.49 -2.22 -9.64
C MET A 29 -3.73 -1.50 -10.76
N TYR A 30 -3.09 -2.25 -11.65
CA TYR A 30 -2.39 -1.63 -12.77
C TYR A 30 -3.42 -1.20 -13.82
N PRO A 31 -3.19 -0.08 -14.51
CA PRO A 31 -4.12 0.38 -15.55
C PRO A 31 -3.77 -0.36 -16.85
N PRO A 32 -4.61 -0.22 -17.89
CA PRO A 32 -4.26 -0.93 -19.13
C PRO A 32 -2.92 -0.41 -19.67
N LYS A 33 -2.12 -1.27 -20.28
CA LYS A 33 -0.83 -0.80 -20.83
C LYS A 33 0.19 -0.38 -19.76
N PHE A 34 -0.01 -0.85 -18.54
CA PHE A 34 0.91 -0.53 -17.46
C PHE A 34 2.32 -1.03 -17.82
N GLU A 35 2.40 -2.00 -18.73
CA GLU A 35 3.72 -2.57 -19.13
C GLU A 35 4.73 -1.50 -19.46
N GLU A 36 4.25 -0.41 -20.07
CA GLU A 36 5.13 0.68 -20.45
C GLU A 36 5.78 1.35 -19.24
N ASN A 37 5.14 1.28 -18.09
CA ASN A 37 5.73 1.87 -16.89
C ASN A 37 5.07 1.23 -15.67
N PRO A 38 5.60 0.09 -15.23
CA PRO A 38 5.02 -0.60 -14.07
C PRO A 38 5.34 0.02 -12.72
N SER A 39 5.90 1.24 -12.71
CA SER A 39 6.22 1.86 -11.43
C SER A 39 5.05 2.74 -10.96
N ASN A 40 3.95 2.70 -11.71
N ASN A 40 3.95 2.75 -11.70
CA ASN A 40 2.76 3.48 -11.42
CA ASN A 40 2.78 3.52 -11.23
C ASN A 40 1.51 2.59 -11.31
C ASN A 40 1.52 2.65 -11.31
N ALA A 41 0.59 2.90 -10.41
CA ALA A 41 -0.64 2.11 -10.31
C ALA A 41 -1.80 2.98 -9.87
N SER A 42 -3.02 2.49 -10.10
CA SER A 42 -4.21 3.25 -9.76
C SER A 42 -4.99 2.65 -8.63
N VAL A 43 -5.79 3.48 -8.00
CA VAL A 43 -6.67 3.02 -6.93
C VAL A 43 -7.64 2.02 -7.57
N SER A 44 -7.89 0.92 -6.90
CA SER A 44 -8.80 -0.07 -7.45
C SER A 44 -10.23 0.52 -7.51
N PRO A 45 -11.06 0.08 -8.48
CA PRO A 45 -12.42 0.62 -8.52
C PRO A 45 -13.10 0.15 -7.24
N VAL A 46 -13.75 1.06 -6.51
CA VAL A 46 -14.40 0.69 -5.25
C VAL A 46 -15.65 1.53 -5.01
N THR A 47 -16.51 1.06 -4.11
CA THR A 47 -17.69 1.85 -3.73
C THR A 47 -17.16 2.72 -2.60
N ILE A 48 -17.86 3.81 -2.32
N ILE A 48 -17.87 3.81 -2.31
CA ILE A 48 -17.47 4.72 -1.24
CA ILE A 48 -17.50 4.74 -1.25
C ILE A 48 -18.04 4.25 0.09
C ILE A 48 -18.04 4.24 0.09
N TYR A 49 -19.25 3.68 0.05
CA TYR A 49 -19.90 3.17 1.24
C TYR A 49 -20.09 1.66 1.17
N PRO A 50 -20.39 1.03 2.32
CA PRO A 50 -20.63 -0.41 2.30
C PRO A 50 -22.05 -0.58 1.76
N THR A 51 -22.38 -1.80 1.33
CA THR A 51 -23.70 -2.09 0.81
C THR A 51 -24.41 -3.00 1.83
N PRO A 52 -25.69 -2.71 2.13
CA PRO A 52 -26.44 -3.54 3.10
C PRO A 52 -26.66 -4.99 2.63
N ILE A 53 -26.42 -5.93 3.54
CA ILE A 53 -26.65 -7.35 3.29
C ILE A 53 -27.30 -7.90 4.56
N PRO A 54 -28.41 -8.64 4.43
CA PRO A 54 -29.03 -9.16 5.65
C PRO A 54 -28.07 -10.08 6.41
N ARG A 55 -27.99 -9.92 7.73
CA ARG A 55 -27.12 -10.74 8.54
C ARG A 55 -27.45 -12.24 8.36
N LYS A 56 -28.73 -12.57 8.28
CA LYS A 56 -29.14 -13.95 8.12
C LYS A 56 -28.53 -14.55 6.84
N CYS A 57 -28.56 -13.78 5.75
CA CYS A 57 -28.03 -14.21 4.46
C CYS A 57 -26.52 -14.43 4.53
N PHE A 58 -25.82 -13.47 5.11
CA PHE A 58 -24.36 -13.57 5.22
C PHE A 58 -23.98 -14.78 6.09
N ASP A 59 -24.62 -14.93 7.24
CA ASP A 59 -24.29 -16.07 8.09
C ASP A 59 -24.54 -17.40 7.39
N GLU A 60 -25.62 -17.48 6.63
CA GLU A 60 -25.91 -18.74 5.92
C GLU A 60 -24.82 -19.05 4.90
N ALA A 61 -24.38 -18.00 4.19
CA ALA A 61 -23.34 -18.16 3.17
C ALA A 61 -22.02 -18.62 3.79
N VAL A 62 -21.69 -18.03 4.93
CA VAL A 62 -20.45 -18.38 5.64
C VAL A 62 -20.52 -19.83 6.14
N GLN A 63 -21.66 -20.18 6.75
CA GLN A 63 -21.84 -21.52 7.31
C GLN A 63 -21.87 -22.65 6.29
N ILE A 64 -22.38 -22.40 5.09
CA ILE A 64 -22.44 -23.48 4.11
C ILE A 64 -21.16 -23.67 3.29
N GLN A 65 -20.22 -22.74 3.37
CA GLN A 65 -19.01 -22.89 2.57
C GLN A 65 -18.25 -24.22 2.77
N PRO A 66 -18.09 -24.67 4.01
CA PRO A 66 -17.36 -25.94 4.14
C PRO A 66 -18.14 -27.11 3.52
N VAL A 67 -19.46 -26.98 3.45
CA VAL A 67 -20.29 -28.00 2.85
C VAL A 67 -20.01 -27.98 1.35
N PHE A 68 -19.95 -26.79 0.75
CA PHE A 68 -19.64 -26.71 -0.68
C PHE A 68 -18.21 -27.24 -0.93
N ASN A 69 -17.28 -26.89 -0.05
CA ASN A 69 -15.88 -27.34 -0.19
C ASN A 69 -15.86 -28.87 -0.25
N GLU A 70 -16.56 -29.48 0.72
CA GLU A 70 -16.62 -30.95 0.80
C GLU A 70 -17.27 -31.56 -0.44
N LEU A 71 -18.36 -30.95 -0.87
CA LEU A 71 -19.07 -31.42 -2.05
C LEU A 71 -18.15 -31.44 -3.27
N TYR A 72 -17.48 -30.31 -3.55
CA TYR A 72 -16.62 -30.27 -4.72
C TYR A 72 -15.37 -31.12 -4.58
N ALA A 73 -14.95 -31.34 -3.34
CA ALA A 73 -13.81 -32.25 -3.14
C ALA A 73 -14.29 -33.68 -3.52
N ARG A 74 -15.46 -34.07 -3.04
N ARG A 74 -15.47 -34.07 -3.04
CA ARG A 74 -15.99 -35.42 -3.32
CA ARG A 74 -16.02 -35.40 -3.33
C ARG A 74 -16.24 -35.62 -4.81
C ARG A 74 -16.22 -35.62 -4.81
N ILE A 75 -16.69 -34.56 -5.48
CA ILE A 75 -16.94 -34.64 -6.93
C ILE A 75 -15.59 -34.88 -7.62
N THR A 76 -14.58 -34.12 -7.22
CA THR A 76 -13.26 -34.28 -7.82
C THR A 76 -12.73 -35.70 -7.61
N GLN A 77 -12.89 -36.22 -6.40
CA GLN A 77 -12.43 -37.58 -6.07
C GLN A 77 -13.12 -38.63 -6.93
N ASP A 78 -14.39 -38.41 -7.23
CA ASP A 78 -15.18 -39.32 -8.07
C ASP A 78 -14.67 -39.23 -9.50
N MET A 79 -14.38 -38.01 -9.93
N MET A 79 -14.38 -38.01 -9.91
CA MET A 79 -13.88 -37.78 -11.28
CA MET A 79 -13.90 -37.75 -11.27
C MET A 79 -12.51 -38.43 -11.45
C MET A 79 -12.51 -38.38 -11.44
N ALA A 80 -11.78 -38.49 -10.35
CA ALA A 80 -10.42 -39.05 -10.34
C ALA A 80 -10.34 -40.57 -10.48
N GLN A 81 -11.49 -41.24 -10.49
CA GLN A 81 -11.56 -42.70 -10.65
C GLN A 81 -11.81 -42.95 -12.15
N PRO A 82 -10.79 -43.42 -12.89
CA PRO A 82 -10.96 -43.64 -14.33
C PRO A 82 -12.12 -44.56 -14.71
N ASP A 83 -12.55 -45.40 -13.78
CA ASP A 83 -13.65 -46.30 -14.11
C ASP A 83 -14.99 -45.80 -13.61
N SER A 84 -15.08 -44.53 -13.21
CA SER A 84 -16.35 -43.99 -12.72
C SER A 84 -17.23 -43.39 -13.81
N TYR A 85 -18.52 -43.25 -13.47
CA TYR A 85 -19.48 -42.66 -14.39
C TYR A 85 -19.13 -41.18 -14.62
N LEU A 86 -18.77 -40.45 -13.57
CA LEU A 86 -18.41 -39.04 -13.71
C LEU A 86 -17.16 -38.82 -14.57
N HIS A 87 -16.22 -39.77 -14.52
CA HIS A 87 -15.03 -39.68 -15.35
C HIS A 87 -15.51 -39.68 -16.81
N LYS A 88 -16.41 -40.59 -17.16
CA LYS A 88 -16.92 -40.68 -18.53
C LYS A 88 -17.73 -39.46 -18.93
N THR A 89 -18.58 -39.05 -18.01
CA THR A 89 -19.44 -37.89 -18.15
C THR A 89 -18.59 -36.65 -18.44
N THR A 90 -17.54 -36.46 -17.65
CA THR A 90 -16.67 -35.31 -17.82
C THR A 90 -15.89 -35.38 -19.13
N GLU A 91 -15.42 -36.57 -19.49
CA GLU A 91 -14.68 -36.73 -20.73
C GLU A 91 -15.61 -36.30 -21.89
N ALA A 92 -16.85 -36.74 -21.81
CA ALA A 92 -17.84 -36.41 -22.83
C ALA A 92 -18.03 -34.90 -22.95
N LEU A 93 -18.19 -34.24 -21.82
CA LEU A 93 -18.36 -32.78 -21.82
C LEU A 93 -17.09 -32.12 -22.35
N ALA A 94 -15.92 -32.62 -21.94
CA ALA A 94 -14.66 -32.04 -22.40
C ALA A 94 -14.49 -32.16 -23.90
N LEU A 95 -14.78 -33.34 -24.45
CA LEU A 95 -14.65 -33.56 -25.89
C LEU A 95 -15.58 -32.65 -26.69
N SER A 96 -16.66 -32.17 -26.06
CA SER A 96 -17.58 -31.26 -26.76
C SER A 96 -16.98 -29.86 -26.85
N ASP A 97 -15.96 -29.60 -26.03
CA ASP A 97 -15.29 -28.31 -26.01
C ASP A 97 -13.81 -28.56 -26.19
N SER A 98 -13.48 -29.14 -27.35
CA SER A 98 -12.11 -29.49 -27.68
C SER A 98 -11.07 -28.38 -27.64
N GLU A 99 -11.48 -27.14 -27.86
CA GLU A 99 -10.53 -26.04 -27.86
C GLU A 99 -10.08 -25.61 -26.47
N PHE A 100 -10.84 -25.97 -25.43
CA PHE A 100 -10.42 -25.62 -24.07
C PHE A 100 -10.58 -26.76 -23.09
N THR A 101 -11.81 -27.08 -22.72
CA THR A 101 -12.02 -28.15 -21.75
C THR A 101 -11.39 -29.46 -22.27
N GLY A 102 -11.51 -29.71 -23.58
CA GLY A 102 -10.94 -30.93 -24.15
C GLY A 102 -9.42 -30.97 -24.02
N LYS A 103 -8.77 -29.81 -24.09
CA LYS A 103 -7.32 -29.77 -23.96
C LYS A 103 -6.95 -30.05 -22.51
N LEU A 104 -7.71 -29.50 -21.58
CA LEU A 104 -7.43 -29.75 -20.16
C LEU A 104 -7.60 -31.23 -19.90
N TRP A 105 -8.63 -31.82 -20.50
CA TRP A 105 -8.89 -33.25 -20.28
C TRP A 105 -7.76 -34.09 -20.84
N SER A 106 -7.26 -33.71 -22.02
N SER A 106 -7.26 -33.73 -22.03
CA SER A 106 -6.17 -34.45 -22.64
CA SER A 106 -6.17 -34.49 -22.62
C SER A 106 -4.93 -34.39 -21.77
C SER A 106 -4.93 -34.41 -21.74
N LEU A 107 -4.71 -33.26 -21.10
CA LEU A 107 -3.55 -33.12 -20.23
C LEU A 107 -3.74 -34.07 -19.05
N TYR A 108 -4.94 -34.07 -18.49
CA TYR A 108 -5.23 -34.95 -17.38
C TYR A 108 -4.99 -36.42 -17.75
N LEU A 109 -5.48 -36.85 -18.92
CA LEU A 109 -5.25 -38.25 -19.33
C LEU A 109 -3.74 -38.51 -19.38
N ALA A 110 -2.97 -37.53 -19.83
CA ALA A 110 -1.51 -37.71 -19.89
C ALA A 110 -0.92 -37.94 -18.50
N THR A 111 -1.53 -37.39 -17.45
CA THR A 111 -1.00 -37.59 -16.10
C THR A 111 -1.28 -38.99 -15.58
N LEU A 112 -2.17 -39.71 -16.25
CA LEU A 112 -2.50 -41.07 -15.83
C LEU A 112 -1.44 -42.08 -16.24
N LYS A 113 -0.56 -41.69 -17.15
CA LYS A 113 0.51 -42.60 -17.56
C LYS A 113 1.46 -42.90 -16.41
N SER A 114 2.10 -44.06 -16.45
N SER A 114 2.10 -44.07 -16.45
CA SER A 114 3.03 -44.47 -15.39
CA SER A 114 3.03 -44.48 -15.40
C SER A 114 4.16 -43.46 -15.22
C SER A 114 4.18 -43.50 -15.22
N ALA A 115 4.63 -43.35 -13.98
CA ALA A 115 5.74 -42.46 -13.63
C ALA A 115 6.78 -43.29 -12.86
N GLN A 116 8.04 -42.86 -12.88
CA GLN A 116 9.09 -43.58 -12.16
C GLN A 116 9.06 -43.24 -10.67
N TYR A 117 8.16 -42.33 -10.29
CA TYR A 117 8.08 -41.92 -8.89
C TYR A 117 6.66 -41.94 -8.38
N LYS A 118 6.52 -41.93 -7.06
CA LYS A 118 5.20 -41.90 -6.44
C LYS A 118 4.55 -40.57 -6.86
N LYS A 119 3.31 -40.63 -7.31
CA LYS A 119 2.63 -39.41 -7.72
C LYS A 119 2.08 -38.64 -6.52
N GLN A 120 1.92 -37.33 -6.67
CA GLN A 120 1.36 -36.47 -5.64
C GLN A 120 -0.17 -36.56 -5.78
N ASN A 121 -0.84 -37.01 -4.73
CA ASN A 121 -2.29 -37.16 -4.76
C ASN A 121 -3.03 -36.14 -3.91
N PHE A 122 -2.28 -35.32 -3.18
CA PHE A 122 -2.91 -34.28 -2.39
C PHE A 122 -3.09 -33.06 -3.32
N ARG A 123 -4.23 -32.40 -3.20
CA ARG A 123 -4.48 -31.20 -4.00
C ARG A 123 -5.16 -30.20 -3.07
N LEU A 124 -5.10 -28.94 -3.44
CA LEU A 124 -5.71 -27.89 -2.62
C LEU A 124 -6.73 -27.14 -3.45
N GLY A 125 -7.96 -27.10 -2.96
CA GLY A 125 -8.96 -26.37 -3.66
C GLY A 125 -9.13 -25.02 -2.98
N ILE A 126 -8.79 -23.96 -3.68
CA ILE A 126 -9.00 -22.60 -3.19
C ILE A 126 -10.20 -22.11 -3.99
N PHE A 127 -11.35 -22.14 -3.33
CA PHE A 127 -12.65 -21.87 -3.94
C PHE A 127 -13.34 -20.58 -3.50
N ARG A 128 -14.38 -20.23 -4.28
CA ARG A 128 -15.22 -19.09 -3.93
C ARG A 128 -16.62 -19.39 -4.45
N SER A 129 -17.60 -19.34 -3.56
CA SER A 129 -18.98 -19.55 -3.93
C SER A 129 -19.60 -18.15 -4.01
N ASP A 130 -20.24 -17.85 -5.15
CA ASP A 130 -20.83 -16.55 -5.38
C ASP A 130 -22.34 -16.59 -5.30
N TYR A 131 -22.92 -15.60 -4.62
CA TYR A 131 -24.37 -15.54 -4.46
C TYR A 131 -24.98 -14.19 -4.78
N LEU A 132 -26.24 -14.24 -5.22
CA LEU A 132 -27.05 -13.04 -5.38
C LEU A 132 -28.15 -13.24 -4.38
N ILE A 133 -28.61 -12.20 -3.69
CA ILE A 133 -29.68 -12.41 -2.73
C ILE A 133 -31.03 -12.30 -3.44
N ASP A 134 -31.60 -13.45 -3.75
CA ASP A 134 -32.88 -13.50 -4.47
C ASP A 134 -34.03 -12.99 -3.61
N LYS A 135 -34.89 -12.19 -4.21
CA LYS A 135 -36.07 -11.70 -3.50
C LYS A 135 -37.28 -11.95 -4.37
N LYS A 136 -38.08 -12.94 -4.00
CA LYS A 136 -39.27 -13.28 -4.78
C LYS A 136 -40.43 -13.39 -3.82
N LYS A 137 -41.51 -12.66 -4.11
CA LYS A 137 -42.69 -12.72 -3.27
C LYS A 137 -42.28 -12.56 -1.79
N GLY A 138 -41.37 -11.62 -1.53
CA GLY A 138 -40.95 -11.37 -0.17
C GLY A 138 -40.01 -12.36 0.49
N THR A 139 -39.63 -13.43 -0.20
CA THR A 139 -38.70 -14.38 0.40
C THR A 139 -37.29 -14.03 -0.06
N GLU A 140 -36.40 -13.82 0.93
CA GLU A 140 -35.00 -13.46 0.73
C GLU A 140 -34.18 -14.73 0.90
N GLN A 141 -33.43 -15.09 -0.14
CA GLN A 141 -32.64 -16.32 -0.08
C GLN A 141 -31.38 -16.22 -0.90
N ILE A 142 -30.23 -16.53 -0.30
CA ILE A 142 -29.03 -16.48 -1.09
C ILE A 142 -29.18 -17.58 -2.15
N LYS A 143 -28.82 -17.26 -3.38
CA LYS A 143 -28.89 -18.23 -4.48
C LYS A 143 -27.54 -18.19 -5.17
N GLN A 144 -26.96 -19.36 -5.39
CA GLN A 144 -25.66 -19.48 -6.01
C GLN A 144 -25.63 -19.15 -7.49
N VAL A 145 -24.78 -18.20 -7.85
CA VAL A 145 -24.59 -17.80 -9.25
C VAL A 145 -23.71 -18.88 -9.90
N GLU A 146 -22.57 -19.16 -9.26
CA GLU A 146 -21.68 -20.22 -9.72
C GLU A 146 -20.70 -20.56 -8.60
N PHE A 147 -19.96 -21.65 -8.75
CA PHE A 147 -18.95 -22.07 -7.77
C PHE A 147 -17.58 -22.03 -8.52
N ASN A 148 -16.67 -21.19 -8.05
CA ASN A 148 -15.35 -20.99 -8.70
C ASN A 148 -14.32 -21.95 -8.13
N THR A 149 -13.73 -22.78 -8.99
CA THR A 149 -12.74 -23.75 -8.50
C THR A 149 -11.31 -23.50 -8.93
N VAL A 150 -11.05 -22.37 -9.57
CA VAL A 150 -9.66 -22.09 -10.00
C VAL A 150 -9.38 -20.61 -10.07
N SER A 151 -8.17 -20.24 -9.64
CA SER A 151 -7.68 -18.88 -9.67
C SER A 151 -8.67 -17.82 -9.21
N VAL A 152 -9.33 -18.02 -8.06
CA VAL A 152 -10.29 -17.03 -7.58
C VAL A 152 -9.59 -15.75 -7.16
N SER A 153 -10.16 -14.62 -7.59
CA SER A 153 -9.55 -13.33 -7.30
C SER A 153 -10.10 -12.61 -6.08
N PHE A 154 -9.31 -11.59 -5.71
CA PHE A 154 -9.65 -10.55 -4.71
C PHE A 154 -9.56 -10.86 -3.22
N ALA A 155 -8.98 -11.99 -2.82
CA ALA A 155 -8.87 -12.26 -1.38
C ALA A 155 -8.03 -11.17 -0.69
N GLY A 156 -7.05 -10.64 -1.41
CA GLY A 156 -6.17 -9.62 -0.84
C GLY A 156 -6.82 -8.25 -0.81
N LEU A 157 -7.34 -7.80 -1.95
CA LEU A 157 -7.98 -6.48 -1.98
C LEU A 157 -9.25 -6.45 -1.16
N SER A 158 -9.92 -7.58 -1.00
CA SER A 158 -11.14 -7.63 -0.17
C SER A 158 -10.83 -7.13 1.25
N GLU A 159 -9.72 -7.59 1.80
CA GLU A 159 -9.33 -7.16 3.16
C GLU A 159 -9.17 -5.64 3.21
N LYS A 160 -8.62 -5.09 2.14
CA LYS A 160 -8.35 -3.66 2.07
C LYS A 160 -9.57 -2.76 1.83
N VAL A 161 -10.51 -3.18 0.97
CA VAL A 161 -11.70 -2.35 0.80
C VAL A 161 -12.53 -2.41 2.09
N ASP A 162 -12.53 -3.55 2.77
CA ASP A 162 -13.27 -3.63 4.04
C ASP A 162 -12.63 -2.69 5.07
N ARG A 163 -11.30 -2.65 5.10
CA ARG A 163 -10.65 -1.78 6.06
C ARG A 163 -10.75 -0.31 5.66
N LEU A 164 -10.86 -0.05 4.37
CA LEU A 164 -11.02 1.32 3.90
C LEU A 164 -12.33 1.89 4.44
N HIS A 165 -13.42 1.15 4.26
CA HIS A 165 -14.73 1.64 4.72
C HIS A 165 -14.78 1.71 6.25
N SER A 166 -14.16 0.75 6.94
CA SER A 166 -14.11 0.78 8.42
C SER A 166 -13.40 2.07 8.85
N TYR A 167 -12.26 2.33 8.22
CA TYR A 167 -11.51 3.55 8.52
C TYR A 167 -12.35 4.83 8.31
N LEU A 168 -12.98 4.95 7.15
CA LEU A 168 -13.82 6.12 6.86
C LEU A 168 -14.89 6.30 7.93
N ASN A 169 -15.41 5.18 8.44
CA ASN A 169 -16.42 5.25 9.49
C ASN A 169 -15.79 5.68 10.83
N ARG A 170 -14.79 4.93 11.28
CA ARG A 170 -14.17 5.22 12.57
C ARG A 170 -13.41 6.54 12.64
N ALA A 171 -12.94 7.04 11.51
CA ALA A 171 -12.15 8.29 11.50
C ALA A 171 -12.98 9.54 11.22
N ASN A 172 -14.30 9.41 11.31
CA ASN A 172 -15.22 10.51 11.07
C ASN A 172 -15.05 11.16 9.69
N LYS A 173 -14.90 10.32 8.65
CA LYS A 173 -14.77 10.82 7.29
C LYS A 173 -16.14 10.74 6.60
N TYR A 174 -16.94 9.73 6.94
CA TYR A 174 -18.28 9.62 6.36
C TYR A 174 -19.09 10.79 6.93
N ASP A 175 -18.82 11.11 8.20
CA ASP A 175 -19.47 12.23 8.89
C ASP A 175 -18.49 12.77 9.94
N PRO A 176 -18.09 14.04 9.82
CA PRO A 176 -17.15 14.62 10.80
C PRO A 176 -17.59 14.58 12.26
N LYS A 177 -18.89 14.41 12.50
CA LYS A 177 -19.42 14.39 13.87
C LYS A 177 -19.27 13.02 14.52
N GLY A 178 -19.09 11.99 13.71
CA GLY A 178 -18.96 10.67 14.29
C GLY A 178 -19.27 9.57 13.29
N PRO A 179 -19.15 8.31 13.72
CA PRO A 179 -19.44 7.18 12.83
C PRO A 179 -20.90 7.15 12.41
N ILE A 180 -21.18 6.67 11.20
CA ILE A 180 -22.55 6.57 10.74
C ILE A 180 -22.98 5.10 10.78
N TYR A 181 -22.02 4.20 10.98
CA TYR A 181 -22.30 2.78 11.06
C TYR A 181 -21.85 2.20 12.39
N ASN A 182 -22.49 1.11 12.77
CA ASN A 182 -22.16 0.39 13.99
C ASN A 182 -21.04 -0.58 13.57
N ASP A 183 -19.86 -0.41 14.14
CA ASP A 183 -18.74 -1.28 13.78
C ASP A 183 -19.01 -2.77 13.96
N GLN A 184 -19.97 -3.12 14.80
CA GLN A 184 -20.28 -4.53 14.97
C GLN A 184 -20.95 -5.09 13.71
N ASN A 185 -21.45 -4.21 12.84
CA ASN A 185 -22.11 -4.67 11.62
C ASN A 185 -21.27 -4.54 10.36
N MET A 186 -20.06 -4.03 10.52
N MET A 186 -20.08 -3.98 10.47
CA MET A 186 -19.11 -3.83 9.43
CA MET A 186 -19.22 -3.83 9.31
C MET A 186 -18.26 -5.08 9.24
C MET A 186 -18.29 -5.02 9.20
N VAL A 187 -18.52 -5.85 8.19
CA VAL A 187 -17.73 -7.07 7.97
C VAL A 187 -16.29 -6.72 7.61
N ILE A 188 -15.34 -7.38 8.25
CA ILE A 188 -13.94 -7.17 7.91
C ILE A 188 -13.35 -8.55 7.56
N SER A 189 -13.18 -8.79 6.27
CA SER A 189 -12.65 -10.05 5.78
C SER A 189 -11.17 -10.21 6.10
N ASP A 190 -10.79 -11.45 6.37
CA ASP A 190 -9.40 -11.81 6.62
C ASP A 190 -9.02 -12.80 5.53
N SER A 191 -9.72 -12.73 4.39
CA SER A 191 -9.45 -13.63 3.27
C SER A 191 -8.00 -13.69 2.77
N GLY A 192 -7.28 -12.57 2.85
CA GLY A 192 -5.88 -12.58 2.41
C GLY A 192 -5.07 -13.49 3.32
N TYR A 193 -5.21 -13.26 4.61
CA TYR A 193 -4.51 -14.10 5.56
C TYR A 193 -4.95 -15.56 5.43
N LEU A 194 -6.26 -15.80 5.33
CA LEU A 194 -6.77 -17.15 5.28
C LEU A 194 -6.39 -17.93 4.05
N LEU A 195 -6.26 -17.28 2.89
CA LEU A 195 -5.84 -18.02 1.70
C LEU A 195 -4.36 -18.38 1.88
N SER A 196 -3.59 -17.47 2.46
N SER A 196 -3.59 -17.46 2.47
CA SER A 196 -2.18 -17.73 2.67
CA SER A 196 -2.17 -17.75 2.68
C SER A 196 -2.03 -18.90 3.66
C SER A 196 -2.02 -18.91 3.67
N LYS A 197 -2.90 -18.95 4.66
CA LYS A 197 -2.86 -20.04 5.64
C LYS A 197 -3.13 -21.39 4.95
N ALA A 198 -4.07 -21.39 4.00
CA ALA A 198 -4.40 -22.60 3.23
C ALA A 198 -3.20 -23.04 2.40
N LEU A 199 -2.56 -22.09 1.72
CA LEU A 199 -1.38 -22.40 0.94
C LEU A 199 -0.30 -22.97 1.86
N ALA A 200 -0.19 -22.44 3.08
CA ALA A 200 0.83 -22.95 4.03
C ALA A 200 0.47 -24.37 4.45
N LYS A 201 -0.82 -24.64 4.59
CA LYS A 201 -1.33 -25.96 4.94
C LYS A 201 -0.91 -26.99 3.88
N ALA A 202 -0.99 -26.59 2.61
CA ALA A 202 -0.60 -27.47 1.52
C ALA A 202 0.92 -27.67 1.61
N VAL A 203 1.66 -26.62 1.97
CA VAL A 203 3.10 -26.79 2.09
C VAL A 203 3.40 -27.83 3.23
N GLU A 204 2.64 -27.73 4.31
CA GLU A 204 2.75 -28.64 5.45
C GLU A 204 2.50 -30.08 4.95
N SER A 205 1.50 -30.23 4.10
CA SER A 205 1.19 -31.56 3.58
C SER A 205 2.31 -32.10 2.70
N TYR A 206 2.90 -31.24 1.88
CA TYR A 206 4.00 -31.64 1.04
C TYR A 206 5.20 -32.11 1.89
N LYS A 207 5.53 -31.35 2.92
CA LYS A 207 6.67 -31.69 3.76
C LYS A 207 6.43 -32.97 4.55
N SER A 208 5.19 -33.20 4.93
CA SER A 208 4.87 -34.38 5.73
C SER A 208 5.09 -35.66 4.94
N GLN A 209 5.21 -35.54 3.61
CA GLN A 209 5.42 -36.71 2.77
C GLN A 209 6.91 -36.97 2.55
N GLN A 210 7.76 -36.22 3.26
CA GLN A 210 9.21 -36.39 3.19
C GLN A 210 9.77 -36.56 4.60
N SER A 216 15.19 -28.68 4.40
CA SER A 216 14.19 -28.40 3.31
C SER A 216 13.42 -27.12 3.63
N ASP A 217 13.29 -26.25 2.64
CA ASP A 217 12.58 -25.00 2.81
C ASP A 217 11.90 -24.78 1.46
N PRO A 218 10.96 -25.67 1.10
CA PRO A 218 10.26 -25.54 -0.18
C PRO A 218 9.42 -24.27 -0.24
N ILE A 219 9.11 -23.84 -1.47
CA ILE A 219 8.38 -22.61 -1.69
C ILE A 219 7.04 -22.81 -2.42
N VAL A 220 6.28 -21.73 -2.53
CA VAL A 220 5.00 -21.72 -3.27
C VAL A 220 5.27 -21.00 -4.61
N ALA A 221 4.97 -21.67 -5.71
CA ALA A 221 5.16 -21.05 -7.01
C ALA A 221 3.80 -20.50 -7.46
N PHE A 222 3.75 -19.18 -7.67
CA PHE A 222 2.53 -18.51 -8.13
C PHE A 222 2.63 -18.55 -9.65
N ILE A 223 1.72 -19.24 -10.32
CA ILE A 223 1.76 -19.33 -11.78
C ILE A 223 0.89 -18.18 -12.25
N VAL A 224 1.49 -17.20 -12.90
CA VAL A 224 0.75 -16.00 -13.25
C VAL A 224 0.68 -15.65 -14.72
N GLN A 225 -0.34 -14.88 -15.03
CA GLN A 225 -0.61 -14.40 -16.37
C GLN A 225 0.49 -13.44 -16.77
N ARG A 226 0.86 -13.42 -18.05
CA ARG A 226 1.85 -12.46 -18.50
C ARG A 226 1.16 -11.09 -18.38
N ASN A 227 1.88 -10.10 -17.90
CA ASN A 227 1.33 -8.74 -17.73
C ASN A 227 -0.01 -8.69 -16.97
N GLU A 228 -0.02 -9.36 -15.83
CA GLU A 228 -1.18 -9.41 -14.95
C GLU A 228 -1.40 -8.00 -14.38
N ARG A 229 -2.63 -7.50 -14.47
CA ARG A 229 -2.92 -6.16 -13.93
C ARG A 229 -3.33 -6.20 -12.45
N ASN A 230 -3.87 -7.33 -12.01
CA ASN A 230 -4.32 -7.47 -10.62
C ASN A 230 -3.19 -8.03 -9.73
N VAL A 231 -1.96 -7.57 -9.93
N VAL A 231 -1.96 -7.54 -9.93
CA VAL A 231 -0.85 -8.11 -9.13
CA VAL A 231 -0.82 -8.04 -9.15
C VAL A 231 -0.85 -7.75 -7.64
C VAL A 231 -0.85 -7.74 -7.66
N PHE A 232 -1.36 -6.57 -7.28
CA PHE A 232 -1.35 -6.15 -5.85
C PHE A 232 -2.27 -7.01 -4.98
N ASP A 233 -3.32 -7.55 -5.58
CA ASP A 233 -4.22 -8.48 -4.89
C ASP A 233 -3.41 -9.75 -4.57
N GLN A 234 -2.61 -10.18 -5.53
CA GLN A 234 -1.80 -11.39 -5.37
C GLN A 234 -0.64 -11.17 -4.37
N LYS A 235 -0.06 -9.99 -4.40
CA LYS A 235 1.07 -9.67 -3.52
C LYS A 235 0.72 -9.85 -2.05
N VAL A 236 -0.54 -9.58 -1.69
CA VAL A 236 -0.93 -9.75 -0.30
C VAL A 236 -0.66 -11.18 0.14
N LEU A 237 -0.92 -12.13 -0.74
CA LEU A 237 -0.71 -13.54 -0.40
C LEU A 237 0.78 -13.87 -0.30
N GLU A 238 1.58 -13.34 -1.22
CA GLU A 238 3.02 -13.58 -1.22
C GLU A 238 3.61 -13.06 0.08
N LEU A 239 3.23 -11.83 0.45
CA LEU A 239 3.74 -11.24 1.68
C LEU A 239 3.28 -11.97 2.92
N ASN A 240 2.01 -12.37 2.97
N ASN A 240 2.01 -12.38 2.97
CA ASN A 240 1.49 -13.11 4.13
CA ASN A 240 1.51 -13.12 4.13
C ASN A 240 2.22 -14.45 4.28
C ASN A 240 2.24 -14.44 4.28
N LEU A 241 2.45 -15.14 3.16
CA LEU A 241 3.14 -16.44 3.23
C LEU A 241 4.51 -16.27 3.87
N LEU A 242 5.20 -15.18 3.54
CA LEU A 242 6.54 -14.97 4.07
C LEU A 242 6.49 -14.45 5.52
N GLU A 243 5.78 -13.35 5.74
CA GLU A 243 5.71 -12.75 7.07
C GLU A 243 4.96 -13.53 8.15
N LYS A 244 3.90 -14.24 7.79
CA LYS A 244 3.11 -14.99 8.75
C LYS A 244 3.41 -16.48 8.76
N PHE A 245 3.93 -16.99 7.65
CA PHE A 245 4.19 -18.43 7.60
C PHE A 245 5.61 -18.79 7.18
N GLY A 246 6.50 -17.78 7.19
CA GLY A 246 7.91 -17.99 6.86
C GLY A 246 8.18 -18.77 5.58
N THR A 247 7.30 -18.62 4.60
CA THR A 247 7.41 -19.36 3.36
C THR A 247 7.68 -18.45 2.19
N LYS A 248 8.72 -18.75 1.40
N LYS A 248 8.69 -18.77 1.38
CA LYS A 248 9.04 -17.94 0.23
CA LYS A 248 9.03 -17.97 0.24
C LYS A 248 8.19 -18.37 -0.96
C LYS A 248 8.20 -18.39 -0.97
N SER A 249 8.25 -17.58 -2.02
CA SER A 249 7.48 -17.88 -3.21
C SER A 249 8.10 -17.18 -4.40
N VAL A 250 7.66 -17.57 -5.59
N VAL A 250 7.64 -17.57 -5.59
CA VAL A 250 8.13 -16.95 -6.82
CA VAL A 250 8.14 -16.98 -6.82
C VAL A 250 6.93 -16.77 -7.72
C VAL A 250 6.95 -16.79 -7.74
N ARG A 251 7.05 -15.84 -8.66
CA ARG A 251 5.99 -15.57 -9.64
C ARG A 251 6.53 -16.09 -10.98
N LEU A 252 5.81 -17.03 -11.57
CA LEU A 252 6.24 -17.64 -12.84
C LEU A 252 5.15 -17.64 -13.90
N THR A 253 5.48 -17.20 -15.12
CA THR A 253 4.50 -17.28 -16.20
C THR A 253 4.73 -18.65 -16.83
N PHE A 254 3.90 -19.03 -17.79
CA PHE A 254 4.13 -20.33 -18.42
C PHE A 254 5.50 -20.36 -19.13
N ASP A 255 5.98 -19.20 -19.59
CA ASP A 255 7.30 -19.13 -20.23
C ASP A 255 8.37 -19.48 -19.21
N ASP A 256 8.25 -18.91 -18.01
CA ASP A 256 9.22 -19.20 -16.95
C ASP A 256 9.22 -20.66 -16.55
N VAL A 257 8.04 -21.28 -16.54
CA VAL A 257 7.93 -22.71 -16.19
C VAL A 257 8.72 -23.53 -17.21
N ASN A 258 8.53 -23.20 -18.48
CA ASN A 258 9.21 -23.93 -19.54
C ASN A 258 10.72 -23.68 -19.50
N ASP A 259 11.12 -22.44 -19.25
CA ASP A 259 12.53 -22.07 -19.24
C ASP A 259 13.35 -22.36 -17.97
N LYS A 260 12.71 -22.18 -16.80
CA LYS A 260 13.48 -22.29 -15.56
C LYS A 260 13.28 -23.48 -14.65
N LEU A 261 12.24 -24.29 -14.87
CA LEU A 261 11.97 -25.43 -13.98
C LEU A 261 12.36 -26.79 -14.56
N PHE A 262 12.58 -27.75 -13.69
CA PHE A 262 12.90 -29.11 -14.11
C PHE A 262 12.34 -30.04 -13.06
N ILE A 263 12.13 -31.30 -13.44
CA ILE A 263 11.62 -32.29 -12.52
C ILE A 263 12.70 -33.33 -12.29
N ASP A 264 12.88 -33.74 -11.04
CA ASP A 264 13.84 -34.78 -10.74
C ASP A 264 13.16 -36.07 -11.18
N ASP A 265 13.75 -36.78 -12.14
CA ASP A 265 13.16 -38.03 -12.65
C ASP A 265 12.88 -39.12 -11.64
N LYS A 266 13.70 -39.20 -10.59
CA LYS A 266 13.54 -40.23 -9.60
C LYS A 266 12.48 -39.97 -8.54
N THR A 267 12.22 -38.69 -8.25
CA THR A 267 11.26 -38.35 -7.22
C THR A 267 10.06 -37.55 -7.70
N GLY A 268 10.17 -36.96 -8.89
CA GLY A 268 9.09 -36.15 -9.42
C GLY A 268 9.13 -34.73 -8.86
N LYS A 269 10.03 -34.48 -7.91
CA LYS A 269 10.08 -33.16 -7.29
C LYS A 269 10.43 -32.05 -8.26
N LEU A 270 9.78 -30.91 -8.05
CA LEU A 270 9.90 -29.73 -8.91
C LEU A 270 10.87 -28.71 -8.36
N PHE A 271 11.84 -28.31 -9.18
CA PHE A 271 12.90 -27.36 -8.81
C PHE A 271 13.10 -26.22 -9.81
N ILE A 272 13.60 -25.12 -9.29
CA ILE A 272 13.95 -24.00 -10.14
C ILE A 272 15.43 -24.30 -10.48
N ARG A 273 15.76 -24.42 -11.75
CA ARG A 273 17.11 -24.81 -12.12
C ARG A 273 18.30 -24.07 -11.53
N ASP A 274 18.44 -22.78 -11.79
CA ASP A 274 19.63 -22.10 -11.29
C ASP A 274 19.72 -21.75 -9.82
N THR A 275 18.64 -21.99 -9.08
CA THR A 275 18.63 -21.63 -7.67
C THR A 275 18.49 -22.82 -6.77
N GLU A 276 18.06 -23.94 -7.33
CA GLU A 276 17.83 -25.17 -6.58
C GLU A 276 16.63 -25.08 -5.64
N GLN A 277 15.84 -24.01 -5.73
CA GLN A 277 14.67 -23.88 -4.88
C GLN A 277 13.70 -25.01 -5.23
N GLU A 278 13.14 -25.65 -4.21
CA GLU A 278 12.20 -26.75 -4.38
C GLU A 278 10.78 -26.19 -4.24
N ILE A 279 9.90 -26.52 -5.19
CA ILE A 279 8.51 -26.03 -5.16
C ILE A 279 7.56 -27.07 -4.56
N ALA A 280 6.98 -26.71 -3.42
CA ALA A 280 6.05 -27.57 -2.71
C ALA A 280 4.62 -27.48 -3.25
N VAL A 281 4.25 -26.28 -3.67
CA VAL A 281 2.90 -26.01 -4.14
C VAL A 281 2.92 -25.14 -5.40
N VAL A 282 2.07 -25.51 -6.35
CA VAL A 282 1.88 -24.78 -7.60
C VAL A 282 0.51 -24.15 -7.48
N TYR A 283 0.49 -22.85 -7.30
CA TYR A 283 -0.76 -22.09 -7.10
C TYR A 283 -1.12 -21.31 -8.36
N TYR A 284 -2.22 -21.70 -9.01
CA TYR A 284 -2.58 -21.05 -10.25
C TYR A 284 -3.37 -19.75 -10.15
N ARG A 285 -2.87 -18.71 -10.82
CA ARG A 285 -3.58 -17.43 -10.92
C ARG A 285 -3.70 -17.14 -12.43
N THR A 286 -3.61 -18.23 -13.20
CA THR A 286 -3.76 -18.18 -14.66
C THR A 286 -4.05 -19.63 -15.11
N GLY A 287 -4.56 -19.77 -16.34
CA GLY A 287 -4.85 -21.10 -16.85
C GLY A 287 -6.34 -21.45 -16.84
N TYR A 288 -7.20 -20.44 -16.64
CA TYR A 288 -8.64 -20.66 -16.55
C TYR A 288 -9.43 -20.29 -17.81
N THR A 289 -8.78 -19.68 -18.79
CA THR A 289 -9.49 -19.33 -20.03
C THR A 289 -8.55 -19.63 -21.19
N THR A 290 -9.11 -19.85 -22.37
N THR A 290 -9.12 -19.83 -22.37
CA THR A 290 -8.32 -20.17 -23.54
CA THR A 290 -8.32 -20.15 -23.56
C THR A 290 -7.16 -19.21 -23.84
C THR A 290 -7.16 -19.20 -23.83
N THR A 291 -7.40 -17.91 -23.68
CA THR A 291 -6.35 -16.94 -23.96
C THR A 291 -5.15 -17.01 -23.01
N ASP A 292 -5.28 -17.74 -21.91
CA ASP A 292 -4.17 -17.89 -20.98
C ASP A 292 -3.10 -18.83 -21.54
N TYR A 293 -3.48 -19.62 -22.53
CA TYR A 293 -2.55 -20.56 -23.18
C TYR A 293 -2.33 -20.01 -24.58
N THR A 294 -1.21 -19.30 -24.74
CA THR A 294 -0.88 -18.63 -25.99
C THR A 294 -0.26 -19.50 -27.08
N SER A 295 0.07 -20.73 -26.72
CA SER A 295 0.65 -21.65 -27.68
C SER A 295 0.67 -23.05 -27.07
N GLU A 296 1.06 -24.04 -27.88
CA GLU A 296 1.14 -25.40 -27.40
C GLU A 296 2.13 -25.49 -26.24
N LYS A 297 3.16 -24.63 -26.25
CA LYS A 297 4.14 -24.66 -25.17
C LYS A 297 3.53 -24.38 -23.79
N ASP A 298 2.47 -23.58 -23.74
CA ASP A 298 1.82 -23.28 -22.46
C ASP A 298 1.03 -24.47 -21.98
N TRP A 299 0.43 -25.22 -22.91
CA TRP A 299 -0.30 -26.42 -22.52
C TRP A 299 0.74 -27.40 -22.01
N GLU A 300 1.91 -27.42 -22.65
CA GLU A 300 2.97 -28.33 -22.19
C GLU A 300 3.42 -27.93 -20.79
N ALA A 301 3.52 -26.62 -20.56
CA ALA A 301 3.93 -26.14 -19.23
C ALA A 301 2.93 -26.60 -18.15
N ARG A 302 1.63 -26.48 -18.43
CA ARG A 302 0.62 -26.89 -17.46
C ARG A 302 0.76 -28.40 -17.18
N LEU A 303 0.96 -29.20 -18.23
CA LEU A 303 1.09 -30.65 -18.05
C LEU A 303 2.32 -30.95 -17.19
N PHE A 304 3.39 -30.23 -17.47
CA PHE A 304 4.65 -30.39 -16.73
C PHE A 304 4.41 -30.19 -15.24
N LEU A 305 3.72 -29.11 -14.91
CA LEU A 305 3.41 -28.84 -13.51
C LEU A 305 2.54 -29.93 -12.91
N GLU A 306 1.52 -30.36 -13.66
CA GLU A 306 0.58 -31.36 -13.17
C GLU A 306 1.21 -32.73 -12.93
N LYS A 307 2.23 -33.06 -13.71
CA LYS A 307 2.93 -34.35 -13.56
C LYS A 307 3.90 -34.35 -12.36
N SER A 308 4.34 -33.17 -11.93
CA SER A 308 5.28 -33.09 -10.82
C SER A 308 4.72 -33.48 -9.45
N PHE A 309 5.62 -33.64 -8.50
CA PHE A 309 5.24 -34.01 -7.15
C PHE A 309 4.70 -32.83 -6.33
N ALA A 310 4.74 -31.63 -6.88
CA ALA A 310 4.21 -30.48 -6.14
C ALA A 310 2.69 -30.62 -5.99
N ILE A 311 2.15 -30.09 -4.90
CA ILE A 311 0.69 -30.11 -4.68
C ILE A 311 0.12 -28.96 -5.53
N LYS A 312 -0.87 -29.26 -6.38
CA LYS A 312 -1.45 -28.22 -7.22
C LYS A 312 -2.65 -27.56 -6.54
N ALA A 313 -2.82 -26.27 -6.79
CA ALA A 313 -3.89 -25.50 -6.19
C ALA A 313 -4.56 -24.63 -7.26
N PRO A 314 -5.51 -25.20 -8.01
CA PRO A 314 -6.02 -26.58 -7.95
C PRO A 314 -5.31 -27.41 -9.01
N ASP A 315 -5.48 -28.74 -8.94
CA ASP A 315 -4.94 -29.57 -10.01
C ASP A 315 -6.00 -29.59 -11.13
N LEU A 316 -5.69 -30.28 -12.21
CA LEU A 316 -6.62 -30.33 -13.33
C LEU A 316 -8.05 -30.74 -13.01
N LEU A 317 -8.22 -31.85 -12.29
CA LEU A 317 -9.58 -32.31 -11.99
C LEU A 317 -10.35 -31.37 -11.10
N THR A 318 -9.70 -30.81 -10.08
CA THR A 318 -10.39 -29.89 -9.20
C THR A 318 -10.87 -28.70 -10.04
N GLN A 319 -10.03 -28.24 -10.96
CA GLN A 319 -10.43 -27.13 -11.84
C GLN A 319 -11.65 -27.54 -12.63
N LEU A 320 -11.59 -28.71 -13.27
CA LEU A 320 -12.72 -29.21 -14.07
C LEU A 320 -14.00 -29.45 -13.27
N SER A 321 -13.90 -29.71 -11.97
CA SER A 321 -15.11 -29.95 -11.19
C SER A 321 -16.05 -28.74 -11.09
N GLY A 322 -15.52 -27.54 -11.34
CA GLY A 322 -16.35 -26.33 -11.24
C GLY A 322 -17.08 -25.99 -12.54
N SER A 323 -17.35 -26.99 -13.35
CA SER A 323 -18.01 -26.72 -14.62
C SER A 323 -19.49 -26.38 -14.45
N LYS A 324 -20.02 -25.61 -15.39
CA LYS A 324 -21.44 -25.26 -15.33
C LYS A 324 -22.29 -26.52 -15.45
N LYS A 325 -21.81 -27.52 -16.18
CA LYS A 325 -22.56 -28.77 -16.36
C LYS A 325 -22.74 -29.49 -15.02
N ILE A 326 -21.68 -29.48 -14.21
CA ILE A 326 -21.75 -30.10 -12.90
C ILE A 326 -22.68 -29.29 -12.00
N GLN A 327 -22.60 -27.96 -12.09
CA GLN A 327 -23.50 -27.13 -11.30
C GLN A 327 -24.97 -27.51 -11.64
N GLN A 328 -25.23 -27.73 -12.92
CA GLN A 328 -26.58 -28.10 -13.35
C GLN A 328 -26.95 -29.49 -12.81
N LEU A 329 -26.04 -30.44 -12.97
CA LEU A 329 -26.26 -31.81 -12.51
C LEU A 329 -26.61 -31.90 -11.02
N LEU A 330 -25.92 -31.09 -10.23
CA LEU A 330 -26.12 -31.10 -8.78
C LEU A 330 -27.49 -30.63 -8.31
N THR A 331 -28.26 -30.01 -9.19
CA THR A 331 -29.58 -29.55 -8.80
C THR A 331 -30.56 -30.72 -8.63
N ASP A 332 -30.19 -31.89 -9.13
CA ASP A 332 -31.02 -33.09 -8.97
C ASP A 332 -30.67 -33.69 -7.60
N GLU A 333 -31.66 -33.73 -6.70
CA GLU A 333 -31.44 -34.25 -5.35
C GLU A 333 -30.79 -35.64 -5.33
N GLY A 334 -31.12 -36.48 -6.32
CA GLY A 334 -30.57 -37.83 -6.36
C GLY A 334 -29.08 -37.83 -6.62
N VAL A 335 -28.65 -36.95 -7.50
CA VAL A 335 -27.25 -36.79 -7.87
C VAL A 335 -26.49 -36.21 -6.69
N LEU A 336 -27.06 -35.17 -6.10
CA LEU A 336 -26.43 -34.52 -4.97
C LEU A 336 -26.17 -35.52 -3.85
N GLY A 337 -27.17 -36.35 -3.59
CA GLY A 337 -27.06 -37.36 -2.55
C GLY A 337 -25.97 -38.40 -2.72
N LYS A 338 -25.39 -38.48 -3.90
CA LYS A 338 -24.31 -39.43 -4.14
C LYS A 338 -23.02 -38.87 -3.59
N TYR A 339 -23.02 -37.57 -3.27
CA TYR A 339 -21.84 -36.89 -2.75
C TYR A 339 -22.01 -36.36 -1.32
N ILE A 340 -23.22 -35.97 -0.98
CA ILE A 340 -23.52 -35.48 0.35
C ILE A 340 -24.73 -36.26 0.83
N SER A 341 -24.52 -37.17 1.77
CA SER A 341 -25.62 -37.96 2.29
C SER A 341 -26.31 -37.35 3.52
N ASP A 342 -25.62 -36.47 4.24
CA ASP A 342 -26.22 -35.85 5.41
C ASP A 342 -27.48 -35.08 5.01
N ALA A 343 -28.62 -35.45 5.58
CA ALA A 343 -29.91 -34.83 5.27
C ALA A 343 -29.95 -33.31 5.39
N GLU A 344 -29.39 -32.78 6.47
CA GLU A 344 -29.38 -31.34 6.68
C GLU A 344 -28.44 -30.58 5.76
N LYS A 345 -27.26 -31.14 5.51
CA LYS A 345 -26.33 -30.48 4.60
C LYS A 345 -26.96 -30.45 3.20
N LYS A 346 -27.56 -31.57 2.81
CA LYS A 346 -28.20 -31.71 1.50
C LYS A 346 -29.30 -30.63 1.33
N SER A 347 -30.12 -30.49 2.37
N SER A 347 -30.14 -30.48 2.34
CA SER A 347 -31.20 -29.53 2.39
CA SER A 347 -31.21 -29.50 2.28
C SER A 347 -30.65 -28.10 2.28
C SER A 347 -30.64 -28.07 2.26
N SER A 348 -29.60 -27.83 3.06
CA SER A 348 -28.99 -26.50 3.09
C SER A 348 -28.46 -26.15 1.71
N LEU A 349 -27.85 -27.12 1.05
CA LEU A 349 -27.32 -26.88 -0.29
C LEU A 349 -28.43 -26.59 -1.31
N LEU A 350 -29.47 -27.45 -1.32
CA LEU A 350 -30.56 -27.30 -2.27
C LEU A 350 -31.27 -25.94 -2.18
N LYS A 351 -31.39 -25.39 -0.98
CA LYS A 351 -32.07 -24.09 -0.89
C LYS A 351 -31.27 -22.94 -1.48
N THR A 352 -29.97 -23.14 -1.75
CA THR A 352 -29.17 -22.07 -2.37
C THR A 352 -29.19 -22.24 -3.90
N PHE A 353 -29.87 -23.27 -4.40
CA PHE A 353 -29.90 -23.49 -5.84
C PHE A 353 -31.16 -22.98 -6.52
N VAL A 354 -31.03 -22.46 -7.74
CA VAL A 354 -32.23 -22.06 -8.50
C VAL A 354 -32.39 -23.21 -9.48
N LYS A 355 -33.37 -23.15 -10.37
CA LYS A 355 -33.55 -24.23 -11.35
C LYS A 355 -32.49 -24.09 -12.43
N ILE A 356 -31.89 -25.20 -12.84
CA ILE A 356 -30.88 -25.18 -13.89
C ILE A 356 -31.11 -26.39 -14.80
N TYR A 357 -31.25 -26.13 -16.09
CA TYR A 357 -31.50 -27.21 -17.03
C TYR A 357 -30.48 -27.38 -18.10
N PRO A 358 -30.32 -28.63 -18.56
CA PRO A 358 -29.37 -28.88 -19.64
C PRO A 358 -30.20 -28.57 -20.90
N LEU A 359 -29.55 -28.55 -22.07
CA LEU A 359 -30.23 -28.28 -23.33
C LEU A 359 -29.88 -29.39 -24.32
N ASP A 360 -29.94 -30.62 -23.83
CA ASP A 360 -29.66 -31.78 -24.66
C ASP A 360 -30.93 -32.57 -24.86
N ASP A 361 -30.80 -33.81 -25.33
CA ASP A 361 -31.99 -34.61 -25.61
C ASP A 361 -32.54 -35.49 -24.48
N THR A 362 -32.07 -35.24 -23.27
CA THR A 362 -32.53 -35.98 -22.11
C THR A 362 -33.92 -35.44 -21.74
N LYS A 363 -34.59 -36.11 -20.82
CA LYS A 363 -35.92 -35.67 -20.37
C LYS A 363 -35.82 -34.23 -19.87
N LEU A 364 -34.81 -33.99 -19.04
CA LEU A 364 -34.54 -32.67 -18.46
C LEU A 364 -34.12 -31.69 -19.55
N GLY A 365 -33.31 -32.15 -20.49
CA GLY A 365 -32.87 -31.28 -21.57
C GLY A 365 -34.02 -30.86 -22.48
N ARG A 366 -34.97 -31.75 -22.69
CA ARG A 366 -36.10 -31.40 -23.56
C ARG A 366 -36.97 -30.36 -22.86
N GLU A 367 -37.09 -30.46 -21.54
N GLU A 367 -37.09 -30.46 -21.54
CA GLU A 367 -37.89 -29.49 -20.80
CA GLU A 367 -37.88 -29.49 -20.78
C GLU A 367 -37.17 -28.13 -20.81
C GLU A 367 -37.17 -28.14 -20.81
N GLY A 368 -35.85 -28.16 -20.76
CA GLY A 368 -35.09 -26.92 -20.80
C GLY A 368 -35.29 -26.24 -22.15
N LYS A 369 -35.27 -27.01 -23.23
CA LYS A 369 -35.46 -26.44 -24.56
C LYS A 369 -36.85 -25.81 -24.68
N ARG A 370 -37.84 -26.46 -24.06
N ARG A 370 -37.84 -26.46 -24.06
CA ARG A 370 -39.20 -25.97 -24.09
CA ARG A 370 -39.22 -25.96 -24.09
C ARG A 370 -39.32 -24.65 -23.33
C ARG A 370 -39.32 -24.65 -23.33
N LEU A 371 -38.69 -24.59 -22.16
CA LEU A 371 -38.73 -23.39 -21.35
C LEU A 371 -37.98 -22.25 -22.00
N ALA A 372 -36.83 -22.56 -22.62
CA ALA A 372 -36.02 -21.53 -23.27
C ALA A 372 -36.80 -20.78 -24.36
N LEU A 373 -37.71 -21.50 -25.02
CA LEU A 373 -38.48 -20.89 -26.10
C LEU A 373 -39.83 -20.32 -25.68
N SER A 374 -40.45 -20.92 -24.66
CA SER A 374 -41.76 -20.50 -24.20
C SER A 374 -41.78 -19.46 -23.07
N GLU A 375 -40.81 -19.51 -22.18
N GLU A 375 -40.79 -19.50 -22.19
CA GLU A 375 -40.76 -18.53 -21.10
CA GLU A 375 -40.75 -18.54 -21.09
C GLU A 375 -39.33 -18.05 -20.87
C GLU A 375 -39.31 -18.06 -20.87
N PRO A 376 -38.68 -17.53 -21.91
CA PRO A 376 -37.30 -17.05 -21.77
C PRO A 376 -37.11 -15.92 -20.77
N SER A 377 -38.15 -15.12 -20.52
CA SER A 377 -38.00 -13.99 -19.59
C SER A 377 -37.48 -14.38 -18.19
N LYS A 378 -37.71 -15.63 -17.80
CA LYS A 378 -37.30 -16.13 -16.48
C LYS A 378 -35.87 -16.69 -16.39
N TYR A 379 -35.13 -16.71 -17.50
CA TYR A 379 -33.79 -17.30 -17.51
C TYR A 379 -32.64 -16.52 -18.09
N VAL A 380 -31.46 -17.10 -17.90
CA VAL A 380 -30.24 -16.59 -18.48
C VAL A 380 -29.62 -17.84 -19.09
N LEU A 381 -29.17 -17.72 -20.34
CA LEU A 381 -28.54 -18.83 -21.04
C LEU A 381 -27.03 -18.64 -20.80
N LYS A 382 -26.37 -19.65 -20.26
CA LYS A 382 -24.94 -19.53 -19.95
C LYS A 382 -24.10 -20.61 -20.65
N PRO A 383 -22.99 -20.20 -21.29
CA PRO A 383 -22.12 -21.13 -22.00
C PRO A 383 -21.33 -22.03 -21.04
N GLN A 384 -21.07 -23.27 -21.46
CA GLN A 384 -20.30 -24.16 -20.61
C GLN A 384 -18.83 -23.77 -20.57
N ARG A 385 -18.30 -23.17 -21.64
CA ARG A 385 -16.92 -22.70 -21.59
C ARG A 385 -17.02 -21.32 -20.91
N GLU A 386 -16.34 -21.17 -19.78
CA GLU A 386 -16.43 -19.94 -18.97
C GLU A 386 -15.53 -18.75 -19.28
N GLY A 387 -15.95 -17.62 -18.69
CA GLY A 387 -15.22 -16.37 -18.76
C GLY A 387 -15.26 -15.52 -20.02
N GLY A 388 -15.99 -15.97 -21.04
CA GLY A 388 -16.03 -15.20 -22.28
C GLY A 388 -16.95 -14.00 -22.24
N GLY A 389 -17.71 -13.85 -21.15
CA GLY A 389 -18.63 -12.74 -21.04
C GLY A 389 -19.72 -12.86 -22.10
N ASN A 390 -20.24 -14.07 -22.28
N ASN A 390 -20.23 -14.06 -22.27
CA ASN A 390 -21.29 -14.29 -23.27
CA ASN A 390 -21.28 -14.31 -23.26
C ASN A 390 -22.63 -14.84 -22.76
C ASN A 390 -22.62 -14.86 -22.75
N ASN A 391 -23.08 -14.41 -21.58
CA ASN A 391 -24.38 -14.89 -21.08
C ASN A 391 -25.45 -14.22 -21.94
N VAL A 392 -26.56 -14.91 -22.17
CA VAL A 392 -27.67 -14.33 -22.95
C VAL A 392 -28.89 -14.28 -22.06
N TYR A 393 -29.46 -13.07 -21.91
CA TYR A 393 -30.57 -12.90 -20.97
C TYR A 393 -32.00 -12.76 -21.50
N LYS A 394 -32.87 -13.38 -20.73
CA LYS A 394 -34.30 -13.26 -20.91
C LYS A 394 -34.85 -13.38 -22.31
N GLU A 395 -35.65 -12.38 -22.73
CA GLU A 395 -36.25 -12.41 -24.07
C GLU A 395 -35.27 -12.50 -25.22
N ASN A 396 -33.98 -12.34 -24.95
N ASN A 396 -33.98 -12.31 -24.96
CA ASN A 396 -33.01 -12.43 -26.02
CA ASN A 396 -32.98 -12.40 -26.01
C ASN A 396 -32.62 -13.86 -26.31
C ASN A 396 -32.65 -13.85 -26.32
N ILE A 397 -33.01 -14.76 -25.42
CA ILE A 397 -32.66 -16.17 -25.61
C ILE A 397 -33.14 -16.90 -26.88
N PRO A 398 -34.43 -16.79 -27.22
CA PRO A 398 -34.87 -17.52 -28.42
C PRO A 398 -34.11 -17.16 -29.69
N ASN A 399 -33.91 -15.87 -29.93
CA ASN A 399 -33.20 -15.40 -31.10
C ASN A 399 -31.77 -15.99 -31.20
N PHE A 400 -31.12 -16.07 -30.04
CA PHE A 400 -29.77 -16.61 -30.00
C PHE A 400 -29.80 -18.10 -30.35
N LEU A 401 -30.69 -18.85 -29.71
CA LEU A 401 -30.77 -20.29 -29.97
C LEU A 401 -31.14 -20.60 -31.41
N LYS A 402 -32.09 -19.86 -31.97
CA LYS A 402 -32.51 -20.10 -33.34
C LYS A 402 -31.37 -19.82 -34.30
N GLY A 403 -30.39 -19.05 -33.86
CA GLY A 403 -29.25 -18.74 -34.71
C GLY A 403 -28.20 -19.85 -34.78
N ILE A 404 -28.37 -20.91 -34.00
CA ILE A 404 -27.42 -22.02 -34.04
C ILE A 404 -28.13 -23.37 -34.09
N GLU A 405 -27.44 -24.38 -34.61
CA GLU A 405 -28.03 -25.72 -34.72
C GLU A 405 -28.43 -26.26 -33.35
N GLU A 406 -29.62 -26.83 -33.27
CA GLU A 406 -30.14 -27.35 -32.01
C GLU A 406 -29.20 -28.32 -31.32
N ARG A 407 -28.38 -29.03 -32.10
CA ARG A 407 -27.45 -29.99 -31.52
C ARG A 407 -26.38 -29.28 -30.70
N HIS A 408 -26.08 -28.05 -31.06
CA HIS A 408 -25.07 -27.26 -30.37
C HIS A 408 -25.61 -26.50 -29.16
N TRP A 409 -26.90 -26.68 -28.86
CA TRP A 409 -27.49 -26.01 -27.71
C TRP A 409 -26.92 -26.62 -26.43
N ASP A 410 -26.39 -27.84 -26.56
CA ASP A 410 -25.83 -28.54 -25.40
C ASP A 410 -24.57 -27.83 -24.91
N ALA A 411 -24.11 -26.84 -25.66
CA ALA A 411 -22.92 -26.07 -25.27
C ALA A 411 -23.31 -25.05 -24.20
N TYR A 412 -24.59 -25.04 -23.86
CA TYR A 412 -25.10 -24.11 -22.86
C TYR A 412 -25.98 -24.78 -21.83
N ILE A 413 -26.29 -24.04 -20.76
CA ILE A 413 -27.23 -24.48 -19.74
C ILE A 413 -28.22 -23.33 -19.63
N LEU A 414 -29.44 -23.63 -19.19
CA LEU A 414 -30.48 -22.62 -19.00
C LEU A 414 -30.65 -22.47 -17.49
N MET A 415 -30.40 -21.26 -16.99
CA MET A 415 -30.49 -21.00 -15.56
C MET A 415 -31.56 -20.00 -15.17
N GLU A 416 -32.32 -20.35 -14.14
CA GLU A 416 -33.34 -19.46 -13.65
C GLU A 416 -32.65 -18.15 -13.24
N LEU A 417 -33.29 -17.04 -13.58
CA LEU A 417 -32.76 -15.74 -13.27
C LEU A 417 -32.98 -15.38 -11.79
N ILE A 418 -31.88 -15.03 -11.11
CA ILE A 418 -31.93 -14.61 -9.69
C ILE A 418 -32.33 -13.12 -9.75
N GLU A 419 -33.23 -12.72 -8.86
N GLU A 419 -33.25 -12.71 -8.88
CA GLU A 419 -33.73 -11.34 -8.84
CA GLU A 419 -33.71 -11.32 -8.87
C GLU A 419 -33.47 -10.61 -7.53
C GLU A 419 -33.48 -10.59 -7.56
N PRO A 420 -32.26 -10.06 -7.37
CA PRO A 420 -31.93 -9.34 -6.13
C PRO A 420 -32.46 -7.91 -6.19
N GLU A 421 -32.45 -7.24 -5.04
CA GLU A 421 -32.86 -5.84 -4.97
C GLU A 421 -31.60 -5.06 -5.29
N LEU A 422 -31.74 -3.92 -5.94
CA LEU A 422 -30.58 -3.11 -6.24
C LEU A 422 -30.36 -2.10 -5.12
N ASN A 423 -29.10 -1.79 -4.83
CA ASN A 423 -28.76 -0.81 -3.81
C ASN A 423 -28.74 0.52 -4.57
N GLU A 424 -29.62 1.45 -4.20
CA GLU A 424 -29.69 2.74 -4.90
C GLU A 424 -28.91 3.83 -4.18
N ASN A 425 -28.35 3.50 -3.03
CA ASN A 425 -27.65 4.52 -2.26
C ASN A 425 -26.16 4.42 -2.08
N ASN A 426 -25.46 3.92 -3.10
CA ASN A 426 -24.00 3.88 -2.96
C ASN A 426 -23.39 4.71 -4.06
N ILE A 427 -22.08 4.91 -3.98
CA ILE A 427 -21.37 5.67 -5.01
C ILE A 427 -20.15 4.87 -5.43
N ILE A 428 -19.96 4.75 -6.75
CA ILE A 428 -18.82 4.01 -7.28
C ILE A 428 -17.71 4.95 -7.70
N LEU A 429 -16.48 4.61 -7.31
CA LEU A 429 -15.35 5.45 -7.66
C LEU A 429 -14.33 4.69 -8.50
N ARG A 430 -13.99 5.26 -9.65
N ARG A 430 -13.95 5.27 -9.63
CA ARG A 430 -13.00 4.68 -10.55
CA ARG A 430 -12.96 4.67 -10.49
C ARG A 430 -12.23 5.80 -11.24
C ARG A 430 -12.21 5.75 -11.25
N ASP A 431 -10.90 5.74 -11.15
N ASP A 431 -10.89 5.77 -11.09
CA ASP A 431 -10.02 6.71 -11.78
CA ASP A 431 -10.05 6.72 -11.81
C ASP A 431 -10.39 8.16 -11.46
C ASP A 431 -10.40 8.17 -11.47
N ASN A 432 -10.70 8.40 -10.19
CA ASN A 432 -11.05 9.72 -9.68
C ASN A 432 -12.41 10.25 -10.13
N LYS A 433 -13.21 9.38 -10.73
CA LYS A 433 -14.54 9.78 -11.22
C LYS A 433 -15.58 9.01 -10.43
N SER A 434 -16.64 9.69 -10.00
CA SER A 434 -17.68 9.01 -9.23
C SER A 434 -18.94 8.78 -10.06
N TYR A 435 -19.67 7.74 -9.69
CA TYR A 435 -20.90 7.35 -10.38
C TYR A 435 -21.99 7.05 -9.37
N ASN A 436 -23.13 7.72 -9.51
CA ASN A 436 -24.26 7.51 -8.60
C ASN A 436 -25.30 6.68 -9.36
N GLU A 437 -25.09 5.38 -9.40
CA GLU A 437 -25.98 4.47 -10.12
C GLU A 437 -26.41 3.30 -9.25
N PRO A 438 -27.57 2.69 -9.56
CA PRO A 438 -28.05 1.55 -8.79
C PRO A 438 -27.07 0.41 -9.05
N ILE A 439 -26.77 -0.39 -8.03
CA ILE A 439 -25.84 -1.49 -8.23
C ILE A 439 -26.40 -2.83 -7.78
N ILE A 440 -25.86 -3.88 -8.39
CA ILE A 440 -26.19 -5.25 -8.01
C ILE A 440 -24.93 -5.72 -7.29
N SER A 441 -25.10 -6.45 -6.20
CA SER A 441 -23.95 -6.90 -5.41
C SER A 441 -23.93 -8.42 -5.27
N GLU A 442 -22.80 -9.02 -5.64
CA GLU A 442 -22.65 -10.46 -5.58
C GLU A 442 -21.70 -10.84 -4.44
N LEU A 443 -22.27 -11.55 -3.47
CA LEU A 443 -21.53 -11.97 -2.30
C LEU A 443 -20.64 -13.19 -2.59
N GLY A 444 -19.34 -13.05 -2.34
CA GLY A 444 -18.44 -14.17 -2.55
C GLY A 444 -17.93 -14.70 -1.21
N ILE A 445 -17.87 -16.02 -1.07
CA ILE A 445 -17.38 -16.62 0.16
C ILE A 445 -16.25 -17.54 -0.26
N TYR A 446 -15.05 -17.27 0.24
CA TYR A 446 -13.89 -18.11 -0.07
C TYR A 446 -13.89 -19.33 0.85
N GLY A 447 -13.30 -20.42 0.38
CA GLY A 447 -13.22 -21.62 1.18
C GLY A 447 -12.04 -22.40 0.64
N CYS A 448 -11.30 -23.08 1.51
CA CYS A 448 -10.14 -23.83 1.08
C CYS A 448 -10.21 -25.23 1.65
N VAL A 449 -9.96 -26.22 0.80
CA VAL A 449 -10.02 -27.60 1.23
C VAL A 449 -8.82 -28.41 0.68
N LEU A 450 -8.12 -29.11 1.59
CA LEU A 450 -6.98 -29.93 1.21
C LEU A 450 -7.49 -31.38 1.23
N PHE A 451 -7.33 -32.10 0.14
CA PHE A 451 -7.83 -33.47 0.08
C PHE A 451 -7.00 -34.31 -0.88
N ASN A 452 -7.14 -35.64 -0.79
CA ASN A 452 -6.44 -36.47 -1.74
C ASN A 452 -7.44 -37.34 -2.49
N ASP A 453 -7.06 -38.53 -2.93
CA ASP A 453 -7.99 -39.38 -3.67
C ASP A 453 -9.22 -39.79 -2.86
N GLU A 454 -9.07 -39.90 -1.54
CA GLU A 454 -10.20 -40.36 -0.73
C GLU A 454 -10.45 -39.59 0.56
N GLN A 455 -9.41 -39.08 1.20
CA GLN A 455 -9.56 -38.33 2.45
C GLN A 455 -9.61 -36.81 2.24
N VAL A 456 -10.16 -36.11 3.22
CA VAL A 456 -10.21 -34.65 3.22
C VAL A 456 -9.43 -34.27 4.49
N LEU A 457 -8.29 -33.59 4.34
CA LEU A 457 -7.44 -33.21 5.49
C LEU A 457 -7.70 -31.87 6.20
N SER A 458 -8.20 -30.87 5.47
CA SER A 458 -8.49 -29.56 6.05
C SER A 458 -9.62 -28.98 5.21
N ASN A 459 -10.59 -28.33 5.85
CA ASN A 459 -11.74 -27.78 5.13
C ASN A 459 -12.22 -26.58 5.94
N GLU A 460 -12.03 -25.38 5.39
CA GLU A 460 -12.38 -24.18 6.14
C GLU A 460 -13.01 -23.06 5.34
N PHE A 461 -13.71 -22.21 6.08
CA PHE A 461 -14.25 -20.96 5.55
C PHE A 461 -13.05 -20.06 5.46
N SER A 462 -12.87 -19.29 4.38
CA SER A 462 -11.68 -18.46 4.23
C SER A 462 -11.93 -16.99 3.94
N GLY A 463 -13.08 -16.47 4.37
CA GLY A 463 -13.32 -15.05 4.16
C GLY A 463 -14.42 -14.70 3.20
N SER A 464 -14.55 -13.39 2.93
CA SER A 464 -15.64 -12.92 2.09
C SER A 464 -15.24 -11.86 1.08
N LEU A 465 -16.17 -11.53 0.19
CA LEU A 465 -15.95 -10.58 -0.87
C LEU A 465 -17.31 -10.06 -1.30
N LEU A 466 -17.36 -8.82 -1.77
CA LEU A 466 -18.62 -8.31 -2.29
C LEU A 466 -18.29 -7.50 -3.55
N ARG A 467 -18.68 -8.03 -4.71
N ARG A 467 -18.67 -8.02 -4.71
CA ARG A 467 -18.45 -7.35 -5.98
CA ARG A 467 -18.41 -7.34 -5.97
C ARG A 467 -19.74 -6.70 -6.43
C ARG A 467 -19.72 -6.71 -6.43
N SER A 468 -19.69 -5.41 -6.73
CA SER A 468 -20.87 -4.70 -7.18
C SER A 468 -20.66 -4.11 -8.58
N LYS A 469 -21.75 -3.93 -9.32
CA LYS A 469 -21.62 -3.34 -10.63
C LYS A 469 -22.90 -2.67 -11.05
N PHE A 470 -22.81 -1.78 -12.02
CA PHE A 470 -23.99 -1.11 -12.51
C PHE A 470 -23.96 -1.27 -14.00
N ASN A 471 -25.11 -1.12 -14.62
CA ASN A 471 -25.20 -1.23 -16.07
C ASN A 471 -26.24 -0.21 -16.42
N THR A 472 -25.83 0.83 -17.13
CA THR A 472 -26.76 1.89 -17.48
C THR A 472 -26.39 2.52 -18.81
N SER A 473 -27.35 3.23 -19.38
CA SER A 473 -27.12 3.95 -20.64
C SER A 473 -27.28 5.41 -20.27
N ASN A 474 -26.21 6.18 -20.36
CA ASN A 474 -26.21 7.60 -20.01
C ASN A 474 -25.05 8.33 -20.70
N GLU A 475 -24.72 9.55 -20.29
CA GLU A 475 -23.63 10.27 -20.95
C GLU A 475 -22.33 9.51 -21.06
N GLY A 476 -22.20 8.46 -20.25
CA GLY A 476 -20.99 7.65 -20.29
C GLY A 476 -20.99 6.61 -21.39
N GLY A 477 -22.15 6.41 -22.00
CA GLY A 477 -22.27 5.42 -23.06
C GLY A 477 -23.46 4.51 -22.86
N VAL A 478 -23.74 3.69 -23.85
CA VAL A 478 -24.85 2.75 -23.75
C VAL A 478 -24.28 1.50 -23.08
N ALA A 479 -25.04 0.92 -22.16
CA ALA A 479 -24.56 -0.25 -21.44
C ALA A 479 -23.22 0.09 -20.78
N ALA A 480 -23.07 1.32 -20.29
CA ALA A 480 -21.82 1.68 -19.64
C ALA A 480 -21.92 1.03 -18.26
N GLY A 481 -20.79 0.90 -17.58
CA GLY A 481 -20.84 0.27 -16.28
C GLY A 481 -19.67 -0.65 -16.20
N PHE A 482 -19.29 -0.98 -14.97
CA PHE A 482 -18.15 -1.84 -14.75
C PHE A 482 -18.29 -2.34 -13.32
N GLY A 483 -17.44 -3.27 -12.94
CA GLY A 483 -17.52 -3.81 -11.59
C GLY A 483 -16.53 -3.14 -10.65
N CYS A 484 -16.74 -3.30 -9.36
CA CYS A 484 -15.87 -2.70 -8.37
C CYS A 484 -15.94 -3.51 -7.10
N LEU A 485 -15.02 -3.23 -6.18
CA LEU A 485 -15.01 -3.91 -4.90
C LEU A 485 -15.89 -3.11 -3.93
N ASP A 486 -16.75 -3.80 -3.19
CA ASP A 486 -17.69 -3.15 -2.28
C ASP A 486 -17.42 -3.77 -0.91
N SER A 487 -18.16 -3.34 0.11
CA SER A 487 -17.99 -3.98 1.41
C SER A 487 -19.38 -4.20 1.98
N ILE A 488 -19.45 -4.95 3.06
CA ILE A 488 -20.73 -5.33 3.65
C ILE A 488 -21.08 -4.68 4.98
N ILE A 489 -22.32 -4.18 5.08
CA ILE A 489 -22.80 -3.65 6.37
C ILE A 489 -24.00 -4.56 6.63
N LEU A 490 -23.95 -5.35 7.70
CA LEU A 490 -25.01 -6.30 8.03
C LEU A 490 -26.20 -5.64 8.74
N TYR A 491 -27.39 -6.18 8.54
CA TYR A 491 -28.58 -5.63 9.20
C TYR A 491 -29.66 -6.69 9.45
N PRO B 5 27.37 -7.90 -8.09
CA PRO B 5 26.68 -7.05 -9.10
C PRO B 5 25.61 -7.89 -9.80
N PRO B 6 24.36 -7.37 -9.86
CA PRO B 6 23.23 -8.04 -10.48
C PRO B 6 23.37 -8.16 -12.00
N SER B 7 22.99 -9.30 -12.55
CA SER B 7 23.04 -9.46 -14.00
C SER B 7 21.81 -8.72 -14.51
N LYS B 8 21.77 -8.44 -15.81
CA LYS B 8 20.63 -7.73 -16.39
C LYS B 8 19.30 -8.36 -15.96
N ASP B 9 19.15 -9.67 -16.18
CA ASP B 9 17.91 -10.36 -15.82
C ASP B 9 17.60 -10.33 -14.33
N GLN B 10 18.62 -10.57 -13.51
CA GLN B 10 18.45 -10.54 -12.07
C GLN B 10 18.04 -9.15 -11.61
N LEU B 11 18.62 -8.12 -12.21
CA LEU B 11 18.29 -6.75 -11.80
C LEU B 11 16.86 -6.40 -12.25
N ASN B 12 16.49 -6.80 -13.46
CA ASN B 12 15.17 -6.50 -13.96
C ASN B 12 14.09 -7.16 -13.11
N GLU B 13 14.38 -8.35 -12.59
CA GLU B 13 13.41 -9.04 -11.73
C GLU B 13 13.34 -8.35 -10.37
N LEU B 14 14.50 -7.97 -9.86
CA LEU B 14 14.59 -7.29 -8.57
C LEU B 14 13.83 -5.95 -8.66
N ILE B 15 13.94 -5.27 -9.79
CA ILE B 15 13.24 -4.01 -9.99
C ILE B 15 11.73 -4.24 -9.94
N GLN B 16 11.24 -5.31 -10.55
CA GLN B 16 9.80 -5.50 -10.46
C GLN B 16 9.38 -5.93 -9.06
N GLU B 17 10.27 -6.61 -8.35
CA GLU B 17 9.96 -6.98 -6.98
C GLU B 17 9.80 -5.70 -6.18
N VAL B 18 10.71 -4.75 -6.41
CA VAL B 18 10.61 -3.49 -5.68
C VAL B 18 9.33 -2.75 -6.07
N ASN B 19 9.05 -2.61 -7.35
CA ASN B 19 7.84 -1.88 -7.73
C ASN B 19 6.61 -2.49 -7.08
N GLN B 20 6.50 -3.81 -7.14
CA GLN B 20 5.36 -4.51 -6.58
C GLN B 20 5.25 -4.39 -5.06
N TRP B 21 6.35 -4.58 -4.34
CA TRP B 21 6.27 -4.46 -2.88
C TRP B 21 5.93 -3.00 -2.51
N ALA B 22 6.58 -2.06 -3.18
CA ALA B 22 6.36 -0.62 -2.87
C ALA B 22 4.90 -0.19 -3.08
N ILE B 23 4.33 -0.55 -4.22
CA ILE B 23 2.94 -0.16 -4.47
C ILE B 23 2.00 -0.83 -3.47
N THR B 24 2.23 -2.10 -3.19
CA THR B 24 1.39 -2.85 -2.26
C THR B 24 1.44 -2.25 -0.85
N ASN B 25 2.57 -1.61 -0.50
CA ASN B 25 2.73 -1.04 0.82
C ASN B 25 2.63 0.50 0.92
N GLY B 26 2.32 1.16 -0.18
CA GLY B 26 2.21 2.62 -0.13
C GLY B 26 3.53 3.38 -0.09
N LEU B 27 4.63 2.77 -0.54
CA LEU B 27 5.92 3.46 -0.58
C LEU B 27 5.82 4.21 -1.89
N SER B 28 5.07 5.32 -1.83
CA SER B 28 4.70 6.05 -3.02
C SER B 28 4.72 7.56 -2.92
N MET B 29 4.66 8.20 -4.07
CA MET B 29 4.65 9.66 -4.16
C MET B 29 3.85 10.05 -5.40
N TYR B 30 3.20 11.21 -5.38
CA TYR B 30 2.45 11.65 -6.55
C TYR B 30 3.48 12.22 -7.53
N PRO B 31 3.24 12.05 -8.84
CA PRO B 31 4.18 12.57 -9.84
C PRO B 31 3.80 14.02 -10.12
N PRO B 32 4.60 14.74 -10.90
CA PRO B 32 4.26 16.13 -11.19
C PRO B 32 2.90 16.20 -11.88
N LYS B 33 2.14 17.26 -11.64
CA LYS B 33 0.84 17.35 -12.31
C LYS B 33 -0.14 16.23 -11.99
N PHE B 34 0.06 15.57 -10.85
CA PHE B 34 -0.83 14.50 -10.41
C PHE B 34 -2.23 15.08 -10.23
N GLU B 35 -2.33 16.41 -10.05
CA GLU B 35 -3.63 17.05 -9.85
C GLU B 35 -4.63 16.63 -10.92
N GLU B 36 -4.12 16.30 -12.10
CA GLU B 36 -4.98 15.90 -13.20
C GLU B 36 -5.66 14.56 -12.96
N ASN B 37 -5.10 13.75 -12.08
CA ASN B 37 -5.73 12.49 -11.75
C ASN B 37 -5.03 11.97 -10.52
N PRO B 38 -5.55 12.33 -9.34
CA PRO B 38 -4.94 11.89 -8.09
C PRO B 38 -5.24 10.46 -7.68
N SER B 39 -5.83 9.66 -8.57
CA SER B 39 -6.11 8.28 -8.21
C SER B 39 -4.94 7.41 -8.68
N ASN B 40 -3.88 8.06 -9.17
CA ASN B 40 -2.71 7.34 -9.65
C ASN B 40 -1.45 7.82 -8.92
N ALA B 41 -0.56 6.90 -8.53
CA ALA B 41 0.68 7.31 -7.84
C ALA B 41 1.85 6.45 -8.26
N SER B 42 3.06 6.94 -8.02
CA SER B 42 4.26 6.23 -8.41
C SER B 42 5.08 5.74 -7.25
N VAL B 43 5.87 4.70 -7.51
CA VAL B 43 6.78 4.20 -6.49
C VAL B 43 7.77 5.34 -6.16
N SER B 44 8.07 5.50 -4.89
CA SER B 44 8.99 6.53 -4.47
C SER B 44 10.41 6.24 -4.99
N PRO B 45 11.21 7.29 -5.27
CA PRO B 45 12.58 7.01 -5.73
C PRO B 45 13.27 6.32 -4.55
N VAL B 46 13.92 5.18 -4.79
CA VAL B 46 14.57 4.44 -3.71
C VAL B 46 15.83 3.75 -4.22
N THR B 47 16.71 3.35 -3.29
CA THR B 47 17.89 2.57 -3.67
C THR B 47 17.38 1.12 -3.65
N ILE B 48 18.09 0.23 -4.34
CA ILE B 48 17.72 -1.18 -4.37
C ILE B 48 18.26 -1.92 -3.14
N TYR B 49 19.47 -1.56 -2.73
CA TYR B 49 20.14 -2.16 -1.58
C TYR B 49 20.36 -1.15 -0.45
N PRO B 50 20.71 -1.63 0.73
CA PRO B 50 20.96 -0.70 1.84
C PRO B 50 22.37 -0.16 1.61
N THR B 51 22.69 0.93 2.28
CA THR B 51 24.02 1.54 2.17
C THR B 51 24.71 1.35 3.51
N PRO B 52 26.00 0.94 3.48
CA PRO B 52 26.76 0.73 4.73
C PRO B 52 26.99 2.01 5.54
N ILE B 53 26.78 1.93 6.85
CA ILE B 53 26.98 3.05 7.77
C ILE B 53 27.63 2.42 8.99
N PRO B 54 28.74 3.01 9.47
CA PRO B 54 29.37 2.40 10.65
C PRO B 54 28.44 2.43 11.84
N ARG B 55 28.34 1.30 12.52
CA ARG B 55 27.50 1.18 13.69
C ARG B 55 27.83 2.25 14.74
N LYS B 56 29.11 2.54 14.90
CA LYS B 56 29.53 3.53 15.89
C LYS B 56 28.95 4.90 15.56
N CYS B 57 28.93 5.23 14.27
CA CYS B 57 28.40 6.51 13.82
C CYS B 57 26.90 6.56 14.03
N PHE B 58 26.22 5.48 13.66
CA PHE B 58 24.77 5.43 13.82
C PHE B 58 24.37 5.58 15.28
N ASP B 59 25.00 4.81 16.16
CA ASP B 59 24.70 4.87 17.59
C ASP B 59 24.95 6.26 18.17
N GLU B 60 26.00 6.92 17.70
CA GLU B 60 26.34 8.25 18.19
C GLU B 60 25.24 9.24 17.81
N ALA B 61 24.77 9.12 16.56
CA ALA B 61 23.72 9.99 16.05
C ALA B 61 22.41 9.78 16.82
N VAL B 62 22.10 8.53 17.11
CA VAL B 62 20.88 8.23 17.86
C VAL B 62 20.96 8.79 19.29
N GLN B 63 22.08 8.51 19.94
CA GLN B 63 22.29 8.92 21.34
C GLN B 63 22.33 10.43 21.54
N ILE B 64 22.79 11.17 20.54
CA ILE B 64 22.89 12.61 20.68
C ILE B 64 21.61 13.40 20.34
N GLN B 65 20.65 12.75 19.68
CA GLN B 65 19.43 13.46 19.33
C GLN B 65 18.72 14.15 20.50
N PRO B 66 18.57 13.48 21.64
CA PRO B 66 17.88 14.19 22.74
C PRO B 66 18.67 15.44 23.21
N VAL B 67 19.99 15.43 23.03
CA VAL B 67 20.81 16.56 23.42
C VAL B 67 20.50 17.71 22.46
N PHE B 68 20.43 17.40 21.16
CA PHE B 68 20.10 18.47 20.22
C PHE B 68 18.67 18.97 20.49
N ASN B 69 17.74 18.06 20.81
CA ASN B 69 16.35 18.48 21.07
C ASN B 69 16.33 19.50 22.23
N GLU B 70 17.06 19.16 23.29
CA GLU B 70 17.13 20.03 24.46
C GLU B 70 17.78 21.35 24.11
N LEU B 71 18.88 21.29 23.36
CA LEU B 71 19.57 22.49 22.95
C LEU B 71 18.64 23.46 22.21
N TYR B 72 17.94 23.00 21.19
CA TYR B 72 17.07 23.89 20.43
C TYR B 72 15.81 24.30 21.20
N ALA B 73 15.37 23.45 22.14
CA ALA B 73 14.25 23.85 22.98
C ALA B 73 14.73 25.04 23.83
N ARG B 74 15.92 24.91 24.43
N ARG B 74 15.92 24.92 24.44
CA ARG B 74 16.47 25.99 25.26
CA ARG B 74 16.45 25.99 25.27
C ARG B 74 16.70 27.28 24.47
C ARG B 74 16.72 27.27 24.48
N ILE B 75 17.17 27.12 23.24
CA ILE B 75 17.44 28.28 22.37
C ILE B 75 16.11 28.99 22.12
N THR B 76 15.08 28.21 21.83
CA THR B 76 13.78 28.77 21.56
C THR B 76 13.29 29.55 22.78
N GLN B 77 13.43 28.94 23.95
CA GLN B 77 13.00 29.59 25.18
C GLN B 77 13.76 30.89 25.44
N ASP B 78 15.06 30.91 25.10
CA ASP B 78 15.88 32.11 25.28
C ASP B 78 15.44 33.21 24.30
N MET B 79 15.14 32.80 23.06
CA MET B 79 14.71 33.73 22.03
C MET B 79 13.49 34.55 22.43
N ALA B 80 12.69 34.02 23.35
CA ALA B 80 11.51 34.73 23.81
C ALA B 80 11.88 35.98 24.64
N GLN B 81 13.07 35.96 25.25
CA GLN B 81 13.55 37.07 26.09
C GLN B 81 14.16 38.23 25.27
N PRO B 82 13.57 39.44 25.38
CA PRO B 82 14.03 40.65 24.66
C PRO B 82 15.52 41.02 24.68
N ASP B 83 16.24 40.68 25.73
CA ASP B 83 17.65 41.04 25.83
C ASP B 83 18.70 39.98 25.45
N SER B 84 18.25 38.81 25.01
CA SER B 84 19.19 37.76 24.65
C SER B 84 19.85 38.01 23.30
N TYR B 85 21.09 37.54 23.16
CA TYR B 85 21.84 37.70 21.92
C TYR B 85 21.06 37.08 20.78
N LEU B 86 20.43 35.94 21.07
CA LEU B 86 19.63 35.24 20.06
C LEU B 86 18.47 36.08 19.61
N HIS B 87 17.72 36.61 20.56
CA HIS B 87 16.57 37.46 20.24
C HIS B 87 17.07 38.55 19.29
N LYS B 88 18.18 39.17 19.66
CA LYS B 88 18.77 40.24 18.85
C LYS B 88 19.25 39.76 17.48
N THR B 89 19.97 38.63 17.47
CA THR B 89 20.48 38.04 16.24
C THR B 89 19.35 37.77 15.25
N THR B 90 18.22 37.32 15.78
CA THR B 90 17.07 37.01 14.94
C THR B 90 16.49 38.28 14.32
N GLU B 91 16.47 39.37 15.08
CA GLU B 91 15.98 40.65 14.58
C GLU B 91 16.78 41.07 13.36
N ALA B 92 18.10 40.98 13.46
CA ALA B 92 18.96 41.35 12.34
C ALA B 92 18.65 40.47 11.14
N LEU B 93 18.45 39.17 11.39
CA LEU B 93 18.15 38.26 10.30
C LEU B 93 16.81 38.59 9.66
N ALA B 94 15.91 39.18 10.43
CA ALA B 94 14.59 39.53 9.92
C ALA B 94 14.65 40.72 8.94
N LEU B 95 15.72 41.52 9.02
CA LEU B 95 15.91 42.67 8.14
C LEU B 95 16.57 42.16 6.85
N SER B 96 17.64 41.40 7.02
CA SER B 96 18.36 40.84 5.91
C SER B 96 17.43 40.01 5.01
N ASP B 97 16.49 39.32 5.64
CA ASP B 97 15.54 38.47 4.95
C ASP B 97 14.10 38.85 5.31
N SER B 98 13.75 40.09 5.03
CA SER B 98 12.42 40.63 5.33
C SER B 98 11.27 39.96 4.62
N GLU B 99 11.56 39.31 3.49
CA GLU B 99 10.54 38.63 2.70
C GLU B 99 10.09 37.32 3.38
N PHE B 100 10.91 36.76 4.26
CA PHE B 100 10.54 35.51 4.91
C PHE B 100 10.74 35.58 6.42
N THR B 101 11.99 35.57 6.85
CA THR B 101 12.24 35.64 8.27
C THR B 101 11.56 36.89 8.82
N GLY B 102 11.71 38.01 8.11
CA GLY B 102 11.09 39.24 8.58
C GLY B 102 9.59 39.08 8.80
N LYS B 103 8.92 38.36 7.91
CA LYS B 103 7.48 38.18 8.05
C LYS B 103 7.14 37.23 9.20
N LEU B 104 7.96 36.20 9.39
CA LEU B 104 7.71 35.27 10.49
C LEU B 104 7.91 36.03 11.80
N TRP B 105 8.94 36.87 11.85
CA TRP B 105 9.25 37.63 13.05
C TRP B 105 8.11 38.57 13.37
N SER B 106 7.59 39.25 12.37
CA SER B 106 6.49 40.17 12.60
C SER B 106 5.28 39.44 13.14
N LEU B 107 5.02 38.22 12.64
CA LEU B 107 3.88 37.47 13.16
C LEU B 107 4.13 37.15 14.62
N TYR B 108 5.37 36.78 14.93
CA TYR B 108 5.70 36.43 16.30
C TYR B 108 5.42 37.61 17.23
N LEU B 109 5.91 38.80 16.86
CA LEU B 109 5.68 39.99 17.67
C LEU B 109 4.18 40.18 17.89
N ALA B 110 3.40 40.00 16.82
CA ALA B 110 1.95 40.13 16.93
C ALA B 110 1.34 39.16 17.96
N THR B 111 1.95 37.99 18.14
CA THR B 111 1.39 37.04 19.10
C THR B 111 1.64 37.52 20.54
N LEU B 112 2.57 38.46 20.69
CA LEU B 112 2.91 39.00 22.01
C LEU B 112 1.84 39.94 22.54
N LYS B 113 0.98 40.45 21.66
CA LYS B 113 -0.09 41.35 22.09
C LYS B 113 -1.00 40.61 23.07
N SER B 114 -1.72 41.35 23.90
CA SER B 114 -2.58 40.73 24.88
C SER B 114 -3.78 40.06 24.21
N ALA B 115 -4.35 39.05 24.87
CA ALA B 115 -5.53 38.34 24.40
C ALA B 115 -6.44 38.23 25.62
N GLN B 116 -7.74 37.99 25.41
CA GLN B 116 -8.63 37.89 26.56
C GLN B 116 -8.64 36.49 27.15
N TYR B 117 -7.88 35.57 26.55
CA TYR B 117 -7.81 34.21 27.05
C TYR B 117 -6.37 33.85 27.42
N LYS B 118 -6.20 32.81 28.23
CA LYS B 118 -4.86 32.38 28.61
C LYS B 118 -4.26 31.78 27.35
N LYS B 119 -3.03 32.16 27.06
CA LYS B 119 -2.33 31.69 25.86
C LYS B 119 -1.74 30.30 26.03
N GLN B 120 -1.52 29.62 24.90
CA GLN B 120 -0.94 28.29 24.90
C GLN B 120 0.58 28.45 24.85
N ASN B 121 1.28 27.95 25.86
CA ASN B 121 2.72 28.07 25.92
C ASN B 121 3.47 26.80 25.65
N PHE B 122 2.75 25.68 25.51
CA PHE B 122 3.42 24.44 25.18
C PHE B 122 3.53 24.41 23.65
N ARG B 123 4.67 23.91 23.16
CA ARG B 123 4.87 23.76 21.73
C ARG B 123 5.57 22.42 21.57
N LEU B 124 5.49 21.86 20.37
CA LEU B 124 6.10 20.58 20.09
C LEU B 124 7.12 20.74 18.99
N GLY B 125 8.36 20.39 19.26
CA GLY B 125 9.37 20.47 18.22
C GLY B 125 9.52 19.10 17.62
N ILE B 126 9.27 18.95 16.35
CA ILE B 126 9.44 17.72 15.62
C ILE B 126 10.59 18.03 14.70
N PHE B 127 11.77 17.58 15.12
CA PHE B 127 13.02 17.89 14.46
C PHE B 127 13.70 16.74 13.74
N ARG B 128 14.69 17.10 12.92
CA ARG B 128 15.53 16.08 12.29
C ARG B 128 16.93 16.67 12.21
N SER B 129 17.91 15.93 12.74
CA SER B 129 19.30 16.36 12.66
C SER B 129 19.90 15.54 11.52
N ASP B 130 20.52 16.23 10.55
CA ASP B 130 21.10 15.57 9.38
C ASP B 130 22.61 15.53 9.44
N TYR B 131 23.17 14.38 9.11
CA TYR B 131 24.61 14.17 9.14
C TYR B 131 25.23 13.56 7.90
N LEU B 132 26.49 13.93 7.66
CA LEU B 132 27.29 13.31 6.62
C LEU B 132 28.43 12.65 7.40
N ILE B 133 28.91 11.47 7.01
CA ILE B 133 30.00 10.86 7.77
C ILE B 133 31.32 11.35 7.24
N ASP B 134 31.89 12.33 7.91
CA ASP B 134 33.15 12.93 7.50
C ASP B 134 34.30 11.94 7.61
N LYS B 135 35.16 11.93 6.61
CA LYS B 135 36.31 11.03 6.63
C LYS B 135 37.51 11.88 6.25
N LYS B 136 38.27 12.33 7.25
CA LYS B 136 39.44 13.11 6.95
C LYS B 136 40.64 12.51 7.67
N LYS B 137 41.63 12.12 6.89
CA LYS B 137 42.84 11.52 7.41
C LYS B 137 42.52 10.34 8.31
N GLY B 138 41.67 9.47 7.79
CA GLY B 138 41.28 8.28 8.53
C GLY B 138 40.34 8.57 9.69
N THR B 139 40.06 9.84 9.96
CA THR B 139 39.15 10.21 11.07
C THR B 139 37.69 10.22 10.63
N GLU B 140 36.95 9.21 11.07
CA GLU B 140 35.53 9.00 10.75
C GLU B 140 34.64 9.62 11.83
N GLN B 141 33.81 10.59 11.45
CA GLN B 141 32.99 11.29 12.43
C GLN B 141 31.70 11.86 11.85
N ILE B 142 30.56 11.59 12.47
CA ILE B 142 29.33 12.19 11.94
C ILE B 142 29.48 13.70 12.11
N LYS B 143 29.11 14.44 11.07
CA LYS B 143 29.17 15.90 11.10
C LYS B 143 27.80 16.41 10.64
N GLN B 144 27.27 17.34 11.42
CA GLN B 144 25.97 17.92 11.15
C GLN B 144 25.94 18.85 9.95
N VAL B 145 25.06 18.53 9.00
CA VAL B 145 24.86 19.36 7.81
C VAL B 145 23.99 20.54 8.23
N GLU B 146 22.89 20.21 8.91
CA GLU B 146 22.00 21.22 9.42
C GLU B 146 21.03 20.55 10.42
N PHE B 147 20.32 21.37 11.15
CA PHE B 147 19.33 20.88 12.11
C PHE B 147 17.97 21.44 11.61
N ASN B 148 17.01 20.57 11.33
CA ASN B 148 15.71 21.00 10.78
C ASN B 148 14.68 21.16 11.88
N THR B 149 14.06 22.34 11.97
CA THR B 149 13.11 22.57 13.05
C THR B 149 11.66 22.71 12.65
N VAL B 150 11.36 22.52 11.36
CA VAL B 150 9.98 22.64 10.91
C VAL B 150 9.66 21.72 9.73
N SER B 151 8.45 21.19 9.73
CA SER B 151 7.95 20.33 8.66
C SER B 151 8.95 19.31 8.10
N VAL B 152 9.58 18.50 8.98
CA VAL B 152 10.53 17.50 8.50
C VAL B 152 9.81 16.36 7.79
N SER B 153 10.37 15.94 6.67
CA SER B 153 9.76 14.89 5.84
C SER B 153 10.30 13.51 6.05
N PHE B 154 9.56 12.57 5.45
CA PHE B 154 9.92 11.14 5.30
C PHE B 154 9.85 10.20 6.49
N ALA B 155 9.29 10.61 7.62
CA ALA B 155 9.21 9.70 8.74
C ALA B 155 8.36 8.48 8.38
N GLY B 156 7.33 8.69 7.55
CA GLY B 156 6.46 7.59 7.16
C GLY B 156 7.10 6.67 6.11
N LEU B 157 7.62 7.26 5.04
CA LEU B 157 8.23 6.46 3.99
C LEU B 157 9.53 5.85 4.45
N SER B 158 10.16 6.45 5.46
CA SER B 158 11.39 5.87 6.01
C SER B 158 11.14 4.42 6.49
N GLU B 159 10.04 4.24 7.21
CA GLU B 159 9.68 2.92 7.74
C GLU B 159 9.52 1.90 6.61
N LYS B 160 8.96 2.38 5.50
CA LYS B 160 8.65 1.52 4.37
C LYS B 160 9.86 1.15 3.53
N VAL B 161 10.79 2.07 3.32
CA VAL B 161 11.97 1.70 2.55
C VAL B 161 12.80 0.75 3.41
N ASP B 162 12.82 0.96 4.72
CA ASP B 162 13.59 0.05 5.58
C ASP B 162 12.98 -1.34 5.51
N ARG B 163 11.64 -1.41 5.51
CA ARG B 163 10.97 -2.70 5.45
C ARG B 163 11.05 -3.32 4.04
N LEU B 164 11.15 -2.48 3.01
CA LEU B 164 11.29 -3.00 1.65
C LEU B 164 12.58 -3.80 1.59
N HIS B 165 13.69 -3.17 2.00
CA HIS B 165 14.99 -3.85 1.95
C HIS B 165 15.05 -5.07 2.87
N SER B 166 14.45 -4.97 4.05
CA SER B 166 14.43 -6.13 4.95
C SER B 166 13.72 -7.30 4.26
N TYR B 167 12.58 -7.02 3.64
CA TYR B 167 11.84 -8.05 2.93
C TYR B 167 12.67 -8.67 1.80
N LEU B 168 13.29 -7.84 0.98
CA LEU B 168 14.09 -8.36 -0.14
C LEU B 168 15.16 -9.31 0.38
N ASN B 169 15.70 -9.01 1.56
CA ASN B 169 16.72 -9.86 2.17
C ASN B 169 16.13 -11.17 2.71
N ARG B 170 15.11 -11.04 3.55
CA ARG B 170 14.49 -12.20 4.17
C ARG B 170 13.68 -13.09 3.22
N ALA B 171 13.23 -12.53 2.10
CA ALA B 171 12.42 -13.30 1.15
C ALA B 171 13.26 -13.89 0.03
N ASN B 172 14.58 -13.86 0.20
CA ASN B 172 15.51 -14.37 -0.81
C ASN B 172 15.33 -13.72 -2.19
N LYS B 173 15.12 -12.40 -2.20
CA LYS B 173 15.00 -11.68 -3.46
C LYS B 173 16.34 -11.08 -3.86
N TYR B 174 17.17 -10.72 -2.89
CA TYR B 174 18.50 -10.20 -3.20
C TYR B 174 19.32 -11.39 -3.72
N ASP B 175 19.06 -12.58 -3.18
CA ASP B 175 19.73 -13.81 -3.61
C ASP B 175 18.77 -14.99 -3.40
N PRO B 176 18.37 -15.67 -4.47
CA PRO B 176 17.45 -16.81 -4.33
C PRO B 176 17.92 -17.89 -3.35
N LYS B 177 19.22 -17.95 -3.09
CA LYS B 177 19.74 -18.97 -2.18
C LYS B 177 19.67 -18.63 -0.71
N GLY B 178 19.41 -17.36 -0.39
CA GLY B 178 19.33 -17.01 1.01
C GLY B 178 19.61 -15.54 1.24
N PRO B 179 19.54 -15.07 2.48
CA PRO B 179 19.80 -13.66 2.76
C PRO B 179 21.27 -13.30 2.56
N ILE B 180 21.52 -12.08 2.12
CA ILE B 180 22.88 -11.61 1.90
C ILE B 180 23.31 -10.68 3.04
N TYR B 181 22.37 -10.29 3.89
CA TYR B 181 22.70 -9.41 5.02
C TYR B 181 22.25 -10.09 6.31
N ASN B 182 22.92 -9.71 7.40
CA ASN B 182 22.58 -10.21 8.74
C ASN B 182 21.46 -9.26 9.17
N ASP B 183 20.29 -9.80 9.47
CA ASP B 183 19.17 -8.95 9.86
C ASP B 183 19.43 -8.12 11.12
N GLN B 184 20.36 -8.56 11.96
CA GLN B 184 20.69 -7.78 13.15
C GLN B 184 21.35 -6.46 12.74
N ASN B 185 21.90 -6.37 11.52
CA ASN B 185 22.55 -5.13 11.08
C ASN B 185 21.68 -4.22 10.21
N MET B 186 20.48 -4.70 9.90
N MET B 186 20.49 -4.68 9.84
CA MET B 186 19.52 -3.96 9.08
CA MET B 186 19.60 -3.88 9.00
C MET B 186 18.66 -3.03 9.93
C MET B 186 18.69 -3.03 9.87
N VAL B 187 18.89 -1.72 9.83
CA VAL B 187 18.10 -0.79 10.63
C VAL B 187 16.66 -0.73 10.12
N ILE B 188 15.71 -0.80 11.05
CA ILE B 188 14.29 -0.70 10.68
C ILE B 188 13.70 0.43 11.52
N SER B 189 13.53 1.58 10.89
CA SER B 189 13.01 2.75 11.59
C SER B 189 11.54 2.64 11.96
N ASP B 190 11.19 3.21 13.12
CA ASP B 190 9.80 3.27 13.55
C ASP B 190 9.42 4.75 13.63
N SER B 191 10.07 5.59 12.80
CA SER B 191 9.80 7.02 12.82
C SER B 191 8.36 7.41 12.53
N GLY B 192 7.64 6.61 11.75
CA GLY B 192 6.25 6.94 11.47
C GLY B 192 5.45 6.84 12.77
N TYR B 193 5.59 5.69 13.43
CA TYR B 193 4.91 5.49 14.69
C TYR B 193 5.39 6.52 15.74
N LEU B 194 6.70 6.75 15.83
CA LEU B 194 7.23 7.66 16.84
C LEU B 194 6.82 9.12 16.67
N LEU B 195 6.66 9.59 15.43
CA LEU B 195 6.22 10.97 15.25
C LEU B 195 4.75 11.03 15.65
N SER B 196 4.02 9.97 15.35
N SER B 196 4.00 9.98 15.35
CA SER B 196 2.60 9.94 15.71
CA SER B 196 2.58 10.00 15.72
C SER B 196 2.47 9.94 17.22
C SER B 196 2.47 9.97 17.24
N LYS B 197 3.37 9.23 17.90
CA LYS B 197 3.34 9.17 19.37
C LYS B 197 3.61 10.55 19.98
N ALA B 198 4.51 11.30 19.37
CA ALA B 198 4.85 12.66 19.81
C ALA B 198 3.64 13.57 19.62
N LEU B 199 2.98 13.47 18.46
CA LEU B 199 1.78 14.30 18.23
C LEU B 199 0.72 13.95 19.28
N ALA B 200 0.59 12.67 19.62
CA ALA B 200 -0.37 12.21 20.63
C ALA B 200 -0.01 12.81 21.99
N LYS B 201 1.30 12.90 22.26
CA LYS B 201 1.79 13.50 23.51
C LYS B 201 1.35 14.97 23.59
N ALA B 202 1.43 15.70 22.47
CA ALA B 202 1.01 17.10 22.43
C ALA B 202 -0.49 17.17 22.69
N VAL B 203 -1.22 16.21 22.11
CA VAL B 203 -2.66 16.20 22.34
C VAL B 203 -2.88 15.98 23.85
N GLU B 204 -2.09 15.09 24.45
CA GLU B 204 -2.25 14.82 25.88
C GLU B 204 -2.03 16.08 26.71
N SER B 205 -1.02 16.87 26.34
CA SER B 205 -0.71 18.10 27.04
C SER B 205 -1.83 19.13 26.87
N TYR B 206 -2.42 19.16 25.69
CA TYR B 206 -3.50 20.08 25.43
C TYR B 206 -4.72 19.69 26.31
N LYS B 207 -5.02 18.40 26.37
CA LYS B 207 -6.16 17.94 27.19
C LYS B 207 -5.92 18.18 28.68
N SER B 208 -4.67 18.08 29.11
CA SER B 208 -4.34 18.29 30.52
C SER B 208 -4.67 19.69 30.99
N GLN B 209 -4.77 20.63 30.04
CA GLN B 209 -5.06 22.01 30.38
C GLN B 209 -6.56 22.36 30.35
N GLN B 210 -7.43 21.38 30.11
CA GLN B 210 -8.88 21.66 30.10
C GLN B 210 -9.69 20.80 31.06
N ASP B 217 -12.97 15.35 22.57
CA ASP B 217 -12.21 14.49 21.60
C ASP B 217 -11.54 15.40 20.55
N PRO B 218 -10.55 16.20 20.97
CA PRO B 218 -9.85 17.11 20.03
C PRO B 218 -9.04 16.34 18.99
N ILE B 219 -8.72 17.01 17.89
CA ILE B 219 -8.00 16.40 16.79
C ILE B 219 -6.67 17.08 16.47
N VAL B 220 -5.93 16.49 15.54
CA VAL B 220 -4.67 17.07 15.08
C VAL B 220 -4.95 17.62 13.67
N ALA B 221 -4.65 18.90 13.47
CA ALA B 221 -4.85 19.51 12.17
C ALA B 221 -3.51 19.50 11.43
N PHE B 222 -3.46 18.83 10.28
CA PHE B 222 -2.25 18.79 9.46
C PHE B 222 -2.37 19.97 8.53
N ILE B 223 -1.47 20.96 8.65
CA ILE B 223 -1.51 22.14 7.77
C ILE B 223 -0.65 21.76 6.59
N VAL B 224 -1.27 21.61 5.43
CA VAL B 224 -0.54 21.14 4.26
C VAL B 224 -0.48 22.07 3.07
N GLN B 225 0.52 21.83 2.25
CA GLN B 225 0.76 22.60 1.03
C GLN B 225 -0.33 22.27 0.03
N ARG B 226 -0.73 23.23 -0.79
CA ARG B 226 -1.75 22.94 -1.81
C ARG B 226 -1.07 21.99 -2.83
N ASN B 227 -1.76 20.97 -3.29
CA ASN B 227 -1.16 20.03 -4.26
C ASN B 227 0.15 19.38 -3.80
N GLU B 228 0.16 18.92 -2.55
CA GLU B 228 1.32 18.26 -1.97
C GLU B 228 1.55 16.93 -2.67
N ARG B 229 2.76 16.68 -3.16
CA ARG B 229 3.02 15.40 -3.83
C ARG B 229 3.42 14.29 -2.85
N ASN B 230 3.96 14.67 -1.70
CA ASN B 230 4.43 13.70 -0.70
C ASN B 230 3.33 13.35 0.31
N VAL B 231 2.10 13.20 -0.18
N VAL B 231 2.09 13.22 -0.16
CA VAL B 231 0.97 12.91 0.69
CA VAL B 231 0.98 12.92 0.74
C VAL B 231 1.02 11.57 1.42
C VAL B 231 1.02 11.56 1.44
N PHE B 232 1.47 10.53 0.75
CA PHE B 232 1.56 9.19 1.34
C PHE B 232 2.49 9.09 2.54
N ASP B 233 3.54 9.93 2.55
CA ASP B 233 4.47 9.99 3.67
C ASP B 233 3.70 10.53 4.89
N GLN B 234 2.86 11.54 4.65
CA GLN B 234 2.06 12.18 5.70
C GLN B 234 0.93 11.26 6.17
N LYS B 235 0.33 10.54 5.23
CA LYS B 235 -0.77 9.63 5.56
C LYS B 235 -0.40 8.62 6.63
N VAL B 236 0.86 8.20 6.65
CA VAL B 236 1.29 7.22 7.66
C VAL B 236 1.01 7.78 9.06
N LEU B 237 1.25 9.07 9.25
CA LEU B 237 1.06 9.71 10.53
C LEU B 237 -0.42 9.86 10.88
N GLU B 238 -1.23 10.20 9.89
CA GLU B 238 -2.68 10.34 10.09
C GLU B 238 -3.27 9.00 10.51
N LEU B 239 -2.90 7.93 9.81
CA LEU B 239 -3.41 6.60 10.14
C LEU B 239 -2.93 6.12 11.50
N ASN B 240 -1.67 6.36 11.84
N ASN B 240 -1.67 6.35 11.83
CA ASN B 240 -1.15 5.93 13.14
CA ASN B 240 -1.16 5.92 13.12
C ASN B 240 -1.88 6.66 14.26
C ASN B 240 -1.85 6.67 14.27
N LEU B 241 -2.10 7.96 14.07
CA LEU B 241 -2.77 8.75 15.11
C LEU B 241 -4.12 8.13 15.39
N LEU B 242 -4.80 7.69 14.34
CA LEU B 242 -6.11 7.08 14.52
C LEU B 242 -6.04 5.65 15.07
N GLU B 243 -5.32 4.79 14.37
CA GLU B 243 -5.26 3.39 14.79
C GLU B 243 -4.48 3.09 16.08
N LYS B 244 -3.42 3.85 16.34
CA LYS B 244 -2.61 3.59 17.54
C LYS B 244 -2.93 4.53 18.69
N PHE B 245 -3.50 5.69 18.38
CA PHE B 245 -3.78 6.65 19.43
C PHE B 245 -5.20 7.17 19.47
N GLY B 246 -6.09 6.52 18.75
CA GLY B 246 -7.51 6.89 18.74
C GLY B 246 -7.75 8.38 18.54
N THR B 247 -6.88 9.02 17.77
CA THR B 247 -7.00 10.46 17.53
C THR B 247 -7.27 10.79 16.07
N LYS B 248 -8.32 11.57 15.82
CA LYS B 248 -8.68 11.94 14.47
C LYS B 248 -7.82 13.11 14.02
N SER B 249 -7.87 13.39 12.73
CA SER B 249 -7.12 14.50 12.16
C SER B 249 -7.78 15.00 10.86
N VAL B 250 -7.35 16.18 10.41
CA VAL B 250 -7.88 16.73 9.17
C VAL B 250 -6.70 17.33 8.42
N ARG B 251 -6.83 17.47 7.10
CA ARG B 251 -5.78 18.07 6.28
C ARG B 251 -6.31 19.43 5.84
N LEU B 252 -5.59 20.50 6.18
CA LEU B 252 -6.04 21.84 5.82
C LEU B 252 -4.96 22.67 5.15
N THR B 253 -5.29 23.31 4.02
CA THR B 253 -4.31 24.22 3.40
C THR B 253 -4.57 25.55 4.10
N PHE B 254 -3.74 26.56 3.81
CA PHE B 254 -3.97 27.87 4.43
C PHE B 254 -5.33 28.44 3.99
N ASP B 255 -5.81 28.06 2.81
CA ASP B 255 -7.12 28.51 2.35
C ASP B 255 -8.18 27.93 3.28
N ASP B 256 -8.03 26.66 3.62
CA ASP B 256 -8.96 25.99 4.52
C ASP B 256 -8.93 26.64 5.90
N VAL B 257 -7.74 27.00 6.36
CA VAL B 257 -7.63 27.62 7.66
C VAL B 257 -8.42 28.93 7.67
N ASN B 258 -8.24 29.73 6.62
CA ASN B 258 -8.96 31.01 6.52
C ASN B 258 -10.47 30.86 6.36
N ASP B 259 -10.88 29.89 5.55
CA ASP B 259 -12.29 29.68 5.26
C ASP B 259 -13.10 28.88 6.25
N LYS B 260 -12.48 27.89 6.87
CA LYS B 260 -13.22 26.98 7.75
C LYS B 260 -13.01 27.00 9.25
N LEU B 261 -11.99 27.71 9.74
CA LEU B 261 -11.74 27.71 11.18
C LEU B 261 -12.07 29.02 11.88
N PHE B 262 -12.32 28.92 13.18
CA PHE B 262 -12.59 30.09 13.99
C PHE B 262 -12.03 29.83 15.37
N ILE B 263 -11.85 30.91 16.11
CA ILE B 263 -11.34 30.85 17.46
C ILE B 263 -12.42 31.34 18.40
N ASP B 264 -12.59 30.66 19.53
CA ASP B 264 -13.58 31.10 20.51
C ASP B 264 -12.86 32.25 21.22
N ASP B 265 -13.43 33.45 21.15
CA ASP B 265 -12.80 34.62 21.77
C ASP B 265 -12.50 34.52 23.26
N LYS B 266 -13.34 33.80 23.99
CA LYS B 266 -13.17 33.66 25.43
C LYS B 266 -12.08 32.71 25.87
N THR B 267 -11.86 31.66 25.09
CA THR B 267 -10.87 30.65 25.44
C THR B 267 -9.69 30.54 24.48
N GLY B 268 -9.84 31.12 23.30
CA GLY B 268 -8.79 31.05 22.28
C GLY B 268 -8.76 29.69 21.61
N LYS B 269 -9.65 28.79 22.01
CA LYS B 269 -9.67 27.45 21.41
C LYS B 269 -10.05 27.47 19.94
N LEU B 270 -9.38 26.60 19.19
CA LEU B 270 -9.53 26.50 17.74
C LEU B 270 -10.53 25.44 17.29
N PHE B 271 -11.48 25.84 16.45
CA PHE B 271 -12.54 24.94 15.97
C PHE B 271 -12.76 24.98 14.46
N ILE B 272 -13.28 23.88 13.92
CA ILE B 272 -13.64 23.82 12.51
C ILE B 272 -15.12 24.25 12.55
N ARG B 273 -15.45 25.30 11.85
CA ARG B 273 -16.81 25.90 11.95
C ARG B 273 -18.03 24.99 11.85
N ASP B 274 -18.27 24.30 10.75
CA ASP B 274 -19.53 23.56 10.72
C ASP B 274 -19.58 22.17 11.33
N THR B 275 -18.42 21.63 11.72
CA THR B 275 -18.37 20.30 12.31
C THR B 275 -18.20 20.37 13.82
N GLU B 276 -17.75 21.51 14.30
CA GLU B 276 -17.52 21.71 15.73
C GLU B 276 -16.29 20.93 16.26
N GLN B 277 -15.50 20.35 15.35
CA GLN B 277 -14.31 19.60 15.77
C GLN B 277 -13.33 20.58 16.42
N GLU B 278 -12.76 20.18 17.56
CA GLU B 278 -11.81 21.00 18.31
C GLU B 278 -10.39 20.58 17.96
N ILE B 279 -9.55 21.55 17.63
CA ILE B 279 -8.16 21.26 17.28
C ILE B 279 -7.19 21.46 18.44
N ALA B 280 -6.60 20.36 18.87
CA ALA B 280 -5.65 20.35 19.97
C ALA B 280 -4.23 20.70 19.53
N VAL B 281 -3.88 20.25 18.32
CA VAL B 281 -2.54 20.42 17.78
C VAL B 281 -2.55 20.87 16.33
N VAL B 282 -1.72 21.86 16.03
CA VAL B 282 -1.52 22.38 14.67
C VAL B 282 -0.14 21.90 14.24
N TYR B 283 -0.14 20.94 13.32
CA TYR B 283 1.08 20.30 12.83
C TYR B 283 1.40 20.78 11.42
N TYR B 284 2.48 21.54 11.29
CA TYR B 284 2.87 22.10 10.00
C TYR B 284 3.66 21.20 9.06
N ARG B 285 3.11 21.02 7.85
CA ARG B 285 3.80 20.29 6.80
C ARG B 285 3.93 21.25 5.61
N THR B 286 3.88 22.55 5.92
CA THR B 286 4.03 23.63 4.94
C THR B 286 4.30 24.90 5.76
N GLY B 287 4.77 25.95 5.09
CA GLY B 287 5.02 27.22 5.78
C GLY B 287 6.50 27.42 6.09
N TYR B 288 7.34 26.60 5.46
CA TYR B 288 8.78 26.67 5.69
C TYR B 288 9.56 27.40 4.60
N THR B 289 8.88 27.83 3.54
CA THR B 289 9.56 28.55 2.47
C THR B 289 8.63 29.60 1.93
N THR B 290 9.21 30.66 1.37
CA THR B 290 8.41 31.76 0.86
C THR B 290 7.24 31.39 -0.05
N THR B 291 7.46 30.48 -0.99
CA THR B 291 6.40 30.11 -1.90
C THR B 291 5.23 29.39 -1.25
N ASP B 292 5.38 28.98 0.02
CA ASP B 292 4.29 28.33 0.74
C ASP B 292 3.23 29.37 1.13
N TYR B 293 3.64 30.63 1.16
CA TYR B 293 2.71 31.72 1.49
C TYR B 293 2.45 32.44 0.18
N THR B 294 1.31 32.14 -0.44
CA THR B 294 1.01 32.71 -1.75
C THR B 294 0.42 34.10 -1.77
N SER B 295 0.02 34.61 -0.61
CA SER B 295 -0.55 35.95 -0.48
C SER B 295 -0.54 36.34 1.00
N GLU B 296 -0.88 37.59 1.28
CA GLU B 296 -0.90 38.07 2.68
C GLU B 296 -1.91 37.25 3.48
N LYS B 297 -2.90 36.70 2.79
CA LYS B 297 -3.93 35.89 3.45
C LYS B 297 -3.32 34.65 4.10
N ASP B 298 -2.26 34.11 3.50
CA ASP B 298 -1.61 32.92 4.05
C ASP B 298 -0.83 33.29 5.32
N TRP B 299 -0.19 34.46 5.31
CA TRP B 299 0.52 34.92 6.48
C TRP B 299 -0.51 35.14 7.58
N GLU B 300 -1.68 35.65 7.20
CA GLU B 300 -2.73 35.89 8.19
C GLU B 300 -3.23 34.57 8.73
N ALA B 301 -3.31 33.56 7.87
CA ALA B 301 -3.76 32.24 8.32
C ALA B 301 -2.76 31.67 9.34
N ARG B 302 -1.46 31.85 9.08
CA ARG B 302 -0.43 31.36 9.99
C ARG B 302 -0.56 32.09 11.35
N LEU B 303 -0.74 33.42 11.33
CA LEU B 303 -0.86 34.17 12.59
C LEU B 303 -2.08 33.71 13.38
N PHE B 304 -3.17 33.47 12.66
CA PHE B 304 -4.42 33.03 13.27
C PHE B 304 -4.18 31.71 14.03
N LEU B 305 -3.49 30.78 13.38
CA LEU B 305 -3.22 29.51 14.04
C LEU B 305 -2.33 29.72 15.25
N GLU B 306 -1.30 30.56 15.10
CA GLU B 306 -0.34 30.80 16.18
C GLU B 306 -0.91 31.49 17.40
N LYS B 307 -1.93 32.33 17.18
CA LYS B 307 -2.59 33.03 18.30
C LYS B 307 -3.57 32.12 19.05
N SER B 308 -3.99 31.04 18.41
CA SER B 308 -4.96 30.12 19.03
C SER B 308 -4.38 29.33 20.19
N PHE B 309 -5.26 28.66 20.92
CA PHE B 309 -4.86 27.89 22.07
C PHE B 309 -4.31 26.51 21.69
N ALA B 310 -4.36 26.15 20.41
CA ALA B 310 -3.84 24.85 19.98
C ALA B 310 -2.32 24.83 20.17
N ILE B 311 -1.78 23.65 20.43
CA ILE B 311 -0.33 23.53 20.59
C ILE B 311 0.25 23.45 19.17
N LYS B 312 1.22 24.29 18.85
CA LYS B 312 1.82 24.26 17.49
C LYS B 312 3.05 23.34 17.44
N ALA B 313 3.21 22.70 16.30
CA ALA B 313 4.28 21.76 16.04
C ALA B 313 4.91 22.08 14.67
N PRO B 314 5.84 23.05 14.63
CA PRO B 314 6.35 23.87 15.73
C PRO B 314 5.65 25.23 15.73
N ASP B 315 5.85 26.03 16.79
CA ASP B 315 5.28 27.37 16.77
C ASP B 315 6.30 28.25 16.06
N LEU B 316 5.99 29.54 15.93
CA LEU B 316 6.89 30.44 15.23
C LEU B 316 8.32 30.48 15.74
N LEU B 317 8.51 30.70 17.04
CA LEU B 317 9.88 30.77 17.56
C LEU B 317 10.66 29.50 17.39
N THR B 318 10.02 28.34 17.59
CA THR B 318 10.72 27.08 17.41
C THR B 318 11.18 26.97 15.94
N GLN B 319 10.32 27.33 15.01
CA GLN B 319 10.73 27.30 13.60
C GLN B 319 11.94 28.21 13.40
N LEU B 320 11.86 29.42 13.91
CA LEU B 320 12.96 30.38 13.78
C LEU B 320 14.28 29.93 14.42
N SER B 321 14.23 29.10 15.45
CA SER B 321 15.47 28.66 16.10
C SER B 321 16.39 27.82 15.19
N GLY B 322 15.83 27.21 14.14
CA GLY B 322 16.62 26.38 13.25
C GLY B 322 17.32 27.12 12.12
N SER B 323 17.73 28.35 12.36
CA SER B 323 18.38 29.13 11.32
C SER B 323 19.86 28.75 11.16
N LYS B 324 20.38 28.96 9.95
CA LYS B 324 21.79 28.68 9.67
C LYS B 324 22.66 29.61 10.52
N LYS B 325 22.16 30.80 10.79
CA LYS B 325 22.89 31.75 11.61
C LYS B 325 23.13 31.20 13.01
N ILE B 326 22.08 30.62 13.60
CA ILE B 326 22.20 30.05 14.92
C ILE B 326 23.12 28.84 14.88
N GLN B 327 23.02 28.07 13.80
CA GLN B 327 23.89 26.90 13.65
C GLN B 327 25.35 27.38 13.71
N GLN B 328 25.61 28.51 13.05
CA GLN B 328 26.96 29.05 13.02
C GLN B 328 27.39 29.52 14.42
N LEU B 329 26.51 30.25 15.10
CA LEU B 329 26.82 30.78 16.41
C LEU B 329 27.12 29.70 17.43
N LEU B 330 26.41 28.58 17.33
CA LEU B 330 26.57 27.49 18.28
C LEU B 330 27.94 26.81 18.21
N THR B 331 28.70 27.05 17.13
CA THR B 331 30.01 26.42 17.03
C THR B 331 31.01 27.04 18.01
N ASP B 332 30.64 28.17 18.61
CA ASP B 332 31.50 28.77 19.62
C ASP B 332 31.12 28.14 20.97
N GLU B 333 32.09 27.53 21.65
CA GLU B 333 31.82 26.88 22.93
C GLU B 333 31.15 27.77 23.98
N GLY B 334 31.49 29.06 23.97
CA GLY B 334 30.92 29.97 24.94
C GLY B 334 29.45 30.20 24.71
N VAL B 335 29.05 30.26 23.44
CA VAL B 335 27.65 30.45 23.09
C VAL B 335 26.89 29.17 23.42
N LEU B 336 27.45 28.04 23.03
CA LEU B 336 26.82 26.74 23.27
C LEU B 336 26.62 26.56 24.76
N GLY B 337 27.66 26.92 25.52
CA GLY B 337 27.63 26.82 26.97
C GLY B 337 26.54 27.62 27.67
N LYS B 338 25.90 28.53 26.95
CA LYS B 338 24.81 29.29 27.55
C LYS B 338 23.56 28.41 27.59
N TYR B 339 23.52 27.40 26.72
CA TYR B 339 22.38 26.49 26.64
C TYR B 339 22.61 25.09 27.17
N ILE B 340 23.84 24.60 27.09
CA ILE B 340 24.16 23.27 27.59
C ILE B 340 25.29 23.39 28.60
N SER B 341 25.00 23.13 29.87
CA SER B 341 26.00 23.21 30.91
C SER B 341 26.79 21.90 31.09
N ASP B 342 26.17 20.76 30.83
CA ASP B 342 26.90 19.51 31.02
C ASP B 342 28.13 19.42 30.14
N ALA B 343 29.28 19.21 30.76
CA ALA B 343 30.53 19.14 30.03
C ALA B 343 30.54 18.07 28.95
N GLU B 344 30.05 16.87 29.28
CA GLU B 344 30.08 15.79 28.31
C GLU B 344 29.10 15.98 27.18
N LYS B 345 27.93 16.54 27.48
CA LYS B 345 26.94 16.79 26.43
C LYS B 345 27.51 17.84 25.48
N LYS B 346 28.16 18.84 26.07
CA LYS B 346 28.78 19.93 25.31
C LYS B 346 29.83 19.37 24.36
N SER B 347 30.69 18.51 24.89
N SER B 347 30.69 18.51 24.88
CA SER B 347 31.73 17.90 24.09
CA SER B 347 31.74 17.93 24.04
C SER B 347 31.15 17.07 22.94
C SER B 347 31.15 17.07 22.92
N SER B 348 30.13 16.28 23.24
CA SER B 348 29.50 15.44 22.23
C SER B 348 28.93 16.31 21.11
N LEU B 349 28.30 17.41 21.45
CA LEU B 349 27.74 18.29 20.43
C LEU B 349 28.84 18.86 19.54
N LEU B 350 29.86 19.44 20.18
CA LEU B 350 30.97 20.04 19.46
C LEU B 350 31.65 19.08 18.50
N LYS B 351 31.73 17.81 18.89
CA LYS B 351 32.40 16.81 18.06
C LYS B 351 31.66 16.65 16.71
N THR B 352 30.36 16.94 16.69
CA THR B 352 29.58 16.80 15.46
C THR B 352 29.58 18.05 14.60
N PHE B 353 30.24 19.11 15.05
CA PHE B 353 30.27 20.35 14.28
C PHE B 353 31.55 20.52 13.47
N VAL B 354 31.42 21.11 12.28
CA VAL B 354 32.61 21.44 11.47
C VAL B 354 32.77 22.94 11.72
N LYS B 355 33.79 23.57 11.12
CA LYS B 355 33.97 25.01 11.30
C LYS B 355 32.88 25.72 10.49
N ILE B 356 32.31 26.77 11.07
CA ILE B 356 31.29 27.54 10.35
C ILE B 356 31.51 29.02 10.68
N TYR B 357 31.59 29.86 9.64
CA TYR B 357 31.87 31.28 9.86
C TYR B 357 30.85 32.28 9.33
N PRO B 358 30.78 33.44 9.98
CA PRO B 358 29.95 34.51 9.43
C PRO B 358 30.63 35.03 8.22
N LEU B 359 30.02 35.99 7.57
CA LEU B 359 30.75 36.76 6.58
C LEU B 359 30.44 38.26 6.73
N ASP B 360 30.30 38.69 7.99
CA ASP B 360 30.04 40.09 8.31
C ASP B 360 31.37 40.67 8.78
N ASP B 361 31.35 41.85 9.38
CA ASP B 361 32.61 42.43 9.82
C ASP B 361 33.01 42.24 11.29
N THR B 362 32.47 41.19 11.91
CA THR B 362 32.85 40.85 13.27
C THR B 362 34.22 40.20 13.09
N LYS B 363 34.96 39.95 14.17
CA LYS B 363 36.28 39.34 14.04
C LYS B 363 36.17 37.98 13.31
N LEU B 364 35.23 37.16 13.75
CA LEU B 364 35.01 35.83 13.16
C LEU B 364 34.62 36.00 11.70
N GLY B 365 33.82 37.03 11.44
CA GLY B 365 33.39 37.28 10.06
C GLY B 365 34.55 37.67 9.16
N ARG B 366 35.46 38.50 9.67
CA ARG B 366 36.58 38.88 8.82
C ARG B 366 37.46 37.66 8.57
N GLU B 367 37.51 36.74 9.53
CA GLU B 367 38.30 35.51 9.35
C GLU B 367 37.61 34.69 8.26
N GLY B 368 36.27 34.67 8.28
CA GLY B 368 35.52 33.94 7.27
C GLY B 368 35.79 34.50 5.89
N LYS B 369 35.77 35.82 5.77
CA LYS B 369 36.05 36.44 4.48
C LYS B 369 37.44 36.07 3.97
N ARG B 370 38.43 36.10 4.86
N ARG B 370 38.44 36.10 4.84
CA ARG B 370 39.79 35.74 4.47
CA ARG B 370 39.79 35.75 4.43
C ARG B 370 39.80 34.32 3.90
C ARG B 370 39.80 34.31 3.89
N LEU B 371 39.23 33.39 4.65
CA LEU B 371 39.20 31.99 4.25
C LEU B 371 38.44 31.76 2.93
N ALA B 372 37.30 32.42 2.77
CA ALA B 372 36.49 32.26 1.56
C ALA B 372 37.26 32.64 0.29
N LEU B 373 38.20 33.57 0.42
CA LEU B 373 38.97 34.01 -0.75
C LEU B 373 40.33 33.35 -0.88
N SER B 374 40.90 32.95 0.25
CA SER B 374 42.23 32.34 0.27
C SER B 374 42.21 30.83 0.16
N GLU B 375 41.23 30.17 0.77
CA GLU B 375 41.16 28.72 0.66
C GLU B 375 39.73 28.22 0.47
N PRO B 376 39.06 28.66 -0.61
CA PRO B 376 37.69 28.27 -0.90
C PRO B 376 37.44 26.78 -1.11
N SER B 377 38.46 26.03 -1.53
CA SER B 377 38.27 24.61 -1.78
C SER B 377 37.85 23.78 -0.56
N LYS B 378 38.07 24.30 0.65
CA LYS B 378 37.71 23.60 1.87
C LYS B 378 36.29 23.92 2.41
N TYR B 379 35.53 24.73 1.66
CA TYR B 379 34.19 25.17 2.10
C TYR B 379 33.04 25.11 1.12
N VAL B 380 31.85 25.37 1.66
CA VAL B 380 30.64 25.50 0.89
C VAL B 380 30.00 26.77 1.44
N LEU B 381 29.55 27.63 0.53
CA LEU B 381 28.90 28.89 0.91
C LEU B 381 27.41 28.57 0.89
N LYS B 382 26.71 28.86 1.98
CA LYS B 382 25.29 28.56 2.11
C LYS B 382 24.43 29.80 2.39
N PRO B 383 23.37 30.00 1.61
CA PRO B 383 22.51 31.16 1.80
C PRO B 383 21.72 30.99 3.08
N GLN B 384 21.55 32.06 3.82
CA GLN B 384 20.84 31.91 5.05
C GLN B 384 19.37 31.56 4.86
N ARG B 385 18.78 31.93 3.72
CA ARG B 385 17.35 31.61 3.54
C ARG B 385 17.15 30.18 3.10
N GLU B 386 16.25 29.38 3.61
CA GLU B 386 16.04 27.96 3.20
C GLU B 386 14.67 27.76 2.52
N GLY B 389 18.44 25.16 -3.28
CA GLY B 389 19.48 24.61 -4.13
C GLY B 389 20.44 25.71 -4.55
N ASN B 390 20.78 26.57 -3.60
CA ASN B 390 21.68 27.69 -3.85
C ASN B 390 23.08 27.55 -3.24
N ASN B 391 23.47 26.40 -2.71
CA ASN B 391 24.83 26.30 -2.15
C ASN B 391 25.89 26.51 -3.23
N VAL B 392 26.98 27.18 -2.87
CA VAL B 392 28.07 27.41 -3.82
C VAL B 392 29.26 26.68 -3.26
N TYR B 393 29.84 25.78 -4.07
CA TYR B 393 30.94 24.96 -3.57
C TYR B 393 32.35 25.29 -3.98
N LYS B 394 33.22 25.07 -3.00
CA LYS B 394 34.67 25.17 -3.17
C LYS B 394 35.18 26.33 -4.02
N GLU B 395 35.97 25.99 -5.06
CA GLU B 395 36.55 27.01 -5.90
C GLU B 395 35.58 27.94 -6.63
N ASN B 396 34.29 27.65 -6.57
CA ASN B 396 33.35 28.56 -7.22
C ASN B 396 33.01 29.71 -6.29
N ILE B 397 33.45 29.61 -5.04
CA ILE B 397 33.09 30.64 -4.06
C ILE B 397 33.58 32.06 -4.33
N PRO B 398 34.88 32.25 -4.62
CA PRO B 398 35.33 33.63 -4.86
C PRO B 398 34.59 34.37 -5.95
N ASN B 399 34.31 33.70 -7.06
CA ASN B 399 33.62 34.32 -8.17
C ASN B 399 32.22 34.76 -7.79
N PHE B 400 31.56 33.92 -7.00
CA PHE B 400 30.21 34.24 -6.56
C PHE B 400 30.22 35.45 -5.63
N LEU B 401 31.12 35.46 -4.65
CA LEU B 401 31.19 36.58 -3.72
C LEU B 401 31.58 37.90 -4.44
N LYS B 402 32.52 37.82 -5.38
CA LYS B 402 32.96 39.01 -6.13
C LYS B 402 31.79 39.60 -6.90
N GLY B 403 30.78 38.77 -7.19
CA GLY B 403 29.65 39.24 -7.95
C GLY B 403 28.57 39.98 -7.17
N ILE B 404 28.71 40.01 -5.84
CA ILE B 404 27.74 40.73 -5.01
C ILE B 404 28.48 41.71 -4.11
N GLU B 405 27.78 42.75 -3.68
CA GLU B 405 28.40 43.75 -2.81
C GLU B 405 28.84 43.10 -1.51
N GLU B 406 30.07 43.39 -1.08
CA GLU B 406 30.59 42.77 0.14
C GLU B 406 29.68 42.93 1.36
N ARG B 407 28.98 44.06 1.44
CA ARG B 407 28.09 44.28 2.57
C ARG B 407 26.96 43.25 2.61
N HIS B 408 26.67 42.62 1.49
CA HIS B 408 25.60 41.61 1.45
C HIS B 408 26.10 40.16 1.65
N TRP B 409 27.41 39.98 1.83
CA TRP B 409 27.93 38.62 2.01
C TRP B 409 27.41 38.04 3.31
N ASP B 410 26.92 38.90 4.19
CA ASP B 410 26.37 38.50 5.49
C ASP B 410 25.06 37.73 5.29
N ALA B 411 24.59 37.66 4.04
CA ALA B 411 23.38 36.89 3.72
C ALA B 411 23.75 35.39 3.58
N TYR B 412 25.03 35.07 3.76
CA TYR B 412 25.48 33.67 3.65
C TYR B 412 26.32 33.27 4.86
N ILE B 413 26.62 31.97 4.96
CA ILE B 413 27.56 31.54 5.99
C ILE B 413 28.59 30.72 5.25
N LEU B 414 29.81 30.63 5.80
CA LEU B 414 30.85 29.83 5.14
C LEU B 414 31.04 28.58 6.00
N MET B 415 30.73 27.42 5.44
CA MET B 415 30.83 26.17 6.20
C MET B 415 31.89 25.22 5.66
N GLU B 416 32.67 24.65 6.56
CA GLU B 416 33.70 23.70 6.17
C GLU B 416 33.00 22.57 5.42
N LEU B 417 33.63 22.13 4.35
CA LEU B 417 33.08 21.07 3.54
C LEU B 417 33.27 19.71 4.23
N ILE B 418 32.17 18.96 4.41
CA ILE B 418 32.26 17.63 4.99
C ILE B 418 32.63 16.71 3.80
N GLU B 419 33.55 15.76 4.02
CA GLU B 419 34.00 14.88 2.94
C GLU B 419 33.78 13.40 3.23
N PRO B 420 32.57 12.90 2.93
CA PRO B 420 32.23 11.50 3.17
C PRO B 420 32.73 10.63 2.03
N GLU B 421 32.73 9.32 2.24
CA GLU B 421 33.13 8.39 1.19
C GLU B 421 31.85 8.09 0.41
N LEU B 422 31.96 7.88 -0.90
CA LEU B 422 30.76 7.60 -1.69
C LEU B 422 30.52 6.10 -1.73
N ASN B 423 29.24 5.71 -1.79
CA ASN B 423 28.91 4.30 -1.88
C ASN B 423 28.86 4.08 -3.38
N GLU B 424 29.74 3.21 -3.88
CA GLU B 424 29.78 2.96 -5.31
C GLU B 424 29.06 1.67 -5.65
N ASN B 425 28.50 1.01 -4.65
CA ASN B 425 27.85 -0.26 -4.88
C ASN B 425 26.36 -0.31 -4.65
N ASN B 426 25.63 0.72 -5.06
CA ASN B 426 24.19 0.65 -4.87
C ASN B 426 23.54 0.97 -6.22
N ILE B 427 22.24 0.77 -6.31
CA ILE B 427 21.54 1.10 -7.54
C ILE B 427 20.34 1.93 -7.15
N ILE B 428 20.12 3.02 -7.88
CA ILE B 428 19.01 3.91 -7.61
C ILE B 428 17.89 3.61 -8.60
N LEU B 429 16.67 3.56 -8.08
CA LEU B 429 15.52 3.26 -8.93
C LEU B 429 14.48 4.36 -8.87
N ARG B 430 14.12 4.88 -10.03
CA ARG B 430 13.09 5.90 -10.10
C ARG B 430 12.28 5.77 -11.38
N ASP B 431 10.97 5.68 -11.26
N ASP B 431 10.96 5.69 -11.26
CA ASP B 431 10.07 5.61 -12.42
CA ASP B 431 10.07 5.60 -12.42
C ASP B 431 10.47 4.46 -13.34
C ASP B 431 10.46 4.45 -13.34
N ASN B 432 10.88 3.35 -12.76
CA ASN B 432 11.30 2.10 -13.46
C ASN B 432 12.70 2.12 -14.10
N LYS B 433 13.47 3.15 -13.88
CA LYS B 433 14.79 3.17 -14.49
C LYS B 433 15.82 3.07 -13.42
N SER B 434 16.85 2.29 -13.62
CA SER B 434 17.86 2.16 -12.59
C SER B 434 19.07 2.99 -12.99
N TYR B 435 19.79 3.44 -11.97
CA TYR B 435 20.98 4.23 -12.18
C TYR B 435 22.06 3.61 -11.32
N ASN B 436 23.18 3.26 -11.93
CA ASN B 436 24.28 2.66 -11.20
C ASN B 436 25.34 3.77 -11.11
N GLU B 437 25.20 4.63 -10.09
CA GLU B 437 26.11 5.75 -9.89
C GLU B 437 26.51 5.85 -8.43
N PRO B 438 27.71 6.40 -8.15
CA PRO B 438 28.14 6.54 -6.76
C PRO B 438 27.21 7.54 -6.07
N ILE B 439 26.90 7.28 -4.81
CA ILE B 439 25.99 8.16 -4.07
C ILE B 439 26.56 8.66 -2.78
N ILE B 440 26.05 9.80 -2.35
CA ILE B 440 26.41 10.36 -1.06
C ILE B 440 25.14 10.09 -0.24
N SER B 441 25.32 9.73 1.03
CA SER B 441 24.18 9.40 1.88
C SER B 441 24.20 10.25 3.15
N GLU B 442 23.07 10.91 3.40
CA GLU B 442 22.90 11.80 4.52
C GLU B 442 21.99 11.16 5.57
N LEU B 443 22.56 10.90 6.74
CA LEU B 443 21.83 10.27 7.83
C LEU B 443 20.95 11.27 8.57
N GLY B 444 19.66 10.99 8.64
CA GLY B 444 18.78 11.88 9.38
C GLY B 444 18.27 11.19 10.63
N ILE B 445 18.22 11.92 11.74
CA ILE B 445 17.73 11.35 13.00
C ILE B 445 16.59 12.26 13.46
N TYR B 446 15.40 11.67 13.62
CA TYR B 446 14.24 12.45 14.08
C TYR B 446 14.23 12.53 15.60
N GLY B 447 13.62 13.58 16.13
CA GLY B 447 13.57 13.74 17.58
C GLY B 447 12.41 14.67 17.87
N CYS B 448 11.67 14.42 18.94
CA CYS B 448 10.52 15.24 19.28
C CYS B 448 10.63 15.67 20.72
N VAL B 449 10.39 16.94 20.96
CA VAL B 449 10.48 17.46 22.32
C VAL B 449 9.32 18.39 22.59
N LEU B 450 8.62 18.14 23.69
CA LEU B 450 7.47 18.95 24.11
C LEU B 450 8.01 19.87 25.22
N PHE B 451 7.80 21.18 25.07
CA PHE B 451 8.32 22.15 26.05
C PHE B 451 7.51 23.44 26.06
N ASN B 452 7.64 24.24 27.12
CA ASN B 452 6.91 25.51 27.19
C ASN B 452 7.91 26.64 27.37
N ASP B 453 7.55 27.70 28.08
CA ASP B 453 8.48 28.82 28.26
C ASP B 453 9.72 28.45 29.07
N GLU B 454 9.59 27.50 29.98
CA GLU B 454 10.71 27.15 30.84
C GLU B 454 11.00 25.67 31.03
N GLN B 455 9.96 24.83 31.01
CA GLN B 455 10.17 23.41 31.22
C GLN B 455 10.23 22.63 29.91
N VAL B 456 10.89 21.47 29.96
CA VAL B 456 10.99 20.54 28.83
C VAL B 456 10.30 19.31 29.40
N LEU B 457 9.16 18.92 28.82
CA LEU B 457 8.35 17.81 29.40
C LEU B 457 8.52 16.41 28.81
N SER B 458 8.86 16.29 27.54
CA SER B 458 9.07 14.99 26.87
C SER B 458 10.17 15.29 25.85
N ASN B 459 11.16 14.41 25.75
CA ASN B 459 12.29 14.62 24.84
C ASN B 459 12.76 13.23 24.43
N GLU B 460 12.54 12.88 23.16
N GLU B 460 12.55 12.87 23.16
CA GLU B 460 12.87 11.54 22.68
CA GLU B 460 12.93 11.54 22.71
C GLU B 460 13.52 11.47 21.30
C GLU B 460 13.52 11.46 21.31
N PHE B 461 14.20 10.35 21.08
CA PHE B 461 14.74 10.00 19.80
C PHE B 461 13.52 9.48 19.08
N SER B 462 13.32 9.81 17.80
CA SER B 462 12.11 9.39 17.12
C SER B 462 12.30 8.69 15.77
N GLY B 463 13.45 8.04 15.59
CA GLY B 463 13.65 7.32 14.34
C GLY B 463 14.78 7.80 13.47
N SER B 464 14.97 7.12 12.33
CA SER B 464 16.04 7.48 11.43
C SER B 464 15.59 7.57 9.99
N LEU B 465 16.51 8.03 9.15
CA LEU B 465 16.27 8.25 7.73
C LEU B 465 17.63 8.23 7.01
N LEU B 466 17.65 7.79 5.76
CA LEU B 466 18.89 7.85 4.99
C LEU B 466 18.52 8.34 3.60
N ARG B 467 18.90 9.58 3.29
N ARG B 467 18.92 9.57 3.28
CA ARG B 467 18.63 10.16 1.96
CA ARG B 467 18.64 10.15 1.97
C ARG B 467 19.91 10.10 1.15
C ARG B 467 19.93 10.10 1.15
N SER B 468 19.84 9.51 -0.04
CA SER B 468 21.00 9.39 -0.90
C SER B 468 20.79 10.11 -2.21
N LYS B 469 21.88 10.55 -2.84
CA LYS B 469 21.76 11.17 -4.13
C LYS B 469 23.03 11.01 -4.90
N PHE B 470 22.93 11.19 -6.21
CA PHE B 470 24.08 11.11 -7.09
C PHE B 470 24.06 12.37 -7.98
N ASN B 471 25.20 12.68 -8.57
CA ASN B 471 25.30 13.84 -9.44
C ASN B 471 26.41 13.48 -10.39
N THR B 472 26.04 13.30 -11.66
CA THR B 472 27.01 12.92 -12.67
C THR B 472 26.71 13.60 -14.00
N SER B 473 27.68 13.55 -14.89
CA SER B 473 27.54 14.09 -16.23
C SER B 473 27.74 12.86 -17.10
N ASN B 474 26.67 12.42 -17.75
CA ASN B 474 26.73 11.24 -18.59
C ASN B 474 25.59 11.27 -19.61
N GLU B 475 25.26 10.11 -20.20
CA GLU B 475 24.19 10.08 -21.21
C GLU B 475 22.88 10.69 -20.73
N GLY B 476 22.72 10.78 -19.42
CA GLY B 476 21.49 11.34 -18.88
C GLY B 476 21.51 12.85 -18.78
N GLY B 477 22.69 13.45 -18.97
CA GLY B 477 22.79 14.90 -18.90
C GLY B 477 23.92 15.36 -18.01
N VAL B 478 24.21 16.65 -18.07
CA VAL B 478 25.28 17.24 -17.27
C VAL B 478 24.69 17.57 -15.90
N ALA B 479 25.40 17.18 -14.84
CA ALA B 479 24.86 17.42 -13.49
C ALA B 479 23.49 16.76 -13.35
N ALA B 480 23.35 15.55 -13.90
CA ALA B 480 22.08 14.82 -13.78
C ALA B 480 22.15 14.18 -12.41
N GLY B 481 21.00 13.88 -11.85
CA GLY B 481 20.99 13.26 -10.55
C GLY B 481 19.77 13.75 -9.80
N PHE B 482 19.45 13.02 -8.75
CA PHE B 482 18.31 13.35 -7.94
C PHE B 482 18.48 12.56 -6.67
N GLY B 483 17.62 12.83 -5.69
CA GLY B 483 17.71 12.12 -4.41
C GLY B 483 16.71 10.98 -4.31
N CYS B 484 16.90 10.11 -3.34
CA CYS B 484 16.00 8.97 -3.16
C CYS B 484 16.12 8.54 -1.71
N LEU B 485 15.20 7.64 -1.32
CA LEU B 485 15.19 7.10 0.03
C LEU B 485 16.07 5.85 0.01
N ASP B 486 16.97 5.75 0.99
CA ASP B 486 17.91 4.63 1.09
C ASP B 486 17.67 3.96 2.46
N SER B 487 18.40 2.90 2.77
CA SER B 487 18.28 2.29 4.09
C SER B 487 19.69 2.00 4.59
N ILE B 488 19.81 1.63 5.85
CA ILE B 488 21.10 1.44 6.50
C ILE B 488 21.46 0.01 6.82
N ILE B 489 22.71 -0.37 6.55
CA ILE B 489 23.20 -1.70 6.96
C ILE B 489 24.44 -1.32 7.79
N LEU B 490 24.39 -1.63 9.08
CA LEU B 490 25.46 -1.28 10.02
C LEU B 490 26.63 -2.24 9.95
N TYR B 491 27.84 -1.76 10.22
CA TYR B 491 29.01 -2.64 10.20
C TYR B 491 30.10 -2.12 11.15
MG MG C . -18.54 -15.38 -11.96
MG MG D . -16.93 -18.66 -13.71
S SO4 E . -42.15 -10.01 -6.69
O1 SO4 E . -42.34 -9.45 -5.35
O2 SO4 E . -41.66 -11.40 -6.59
O3 SO4 E . -43.43 -9.99 -7.42
O4 SO4 E . -41.15 -9.21 -7.43
S SO4 F . -6.16 -5.46 11.14
O1 SO4 F . -4.69 -5.44 10.99
O2 SO4 F . -6.66 -6.82 10.83
O3 SO4 F . -6.55 -5.10 12.50
O4 SO4 F . -6.74 -4.49 10.18
S SO4 G . -22.37 -11.37 -18.78
O1 SO4 G . -21.15 -10.67 -18.33
O2 SO4 G . -21.99 -12.74 -19.19
O3 SO4 G . -23.34 -11.42 -17.67
O4 SO4 G . -22.96 -10.66 -19.92
PG ANP H . -16.21 -15.75 -14.66
O1G ANP H . -15.55 -17.06 -14.27
O2G ANP H . -17.06 -15.13 -13.61
O3G ANP H . -15.20 -14.76 -15.19
PB ANP H . -18.63 -16.91 -16.11
PB ANP H . -18.36 -15.85 -15.51
O1B ANP H . -18.47 -18.07 -15.23
O1B ANP H . -17.80 -15.40 -14.21
O2B ANP H . -18.97 -17.37 -17.48
O2B ANP H . -17.83 -17.17 -15.88
N3B ANP H . -17.24 -16.10 -15.97
N3B ANP H . -18.03 -14.61 -16.47
PA ANP H . -21.03 -16.13 -14.32
PA ANP H . -21.15 -16.08 -14.10
O1A ANP H . -21.72 -17.47 -14.17
O1A ANP H . -21.82 -17.42 -13.97
O2A ANP H . -20.34 -15.66 -13.08
O2A ANP H . -20.63 -15.53 -12.79
O3A ANP H . -20.02 -16.18 -15.57
O3A ANP H . -19.96 -16.19 -15.19
O5' ANP H . -22.05 -14.98 -14.82
O5' ANP H . -22.08 -14.99 -14.84
C5' ANP H . -21.42 -13.70 -14.94
C5' ANP H . -21.41 -13.72 -14.95
C4' ANP H . -22.31 -12.65 -14.25
C4' ANP H . -22.28 -12.64 -14.28
O4' ANP H . -23.61 -12.86 -14.74
O4' ANP H . -23.60 -12.86 -14.76
C3' ANP H . -22.56 -12.83 -12.79
C3' ANP H . -22.52 -12.78 -12.82
O3' ANP H . -21.58 -12.35 -11.93
O3' ANP H . -21.50 -12.42 -11.93
C2' ANP H . -23.97 -12.21 -12.67
C2' ANP H . -23.95 -12.23 -12.68
O2' ANP H . -24.01 -10.79 -12.64
O2' ANP H . -24.06 -10.82 -12.59
C1' ANP H . -24.72 -12.65 -13.86
C1' ANP H . -24.70 -12.67 -13.88
N9 ANP H . -25.52 -13.90 -13.62
N9 ANP H . -25.53 -13.90 -13.64
C8 ANP H . -25.12 -15.17 -13.82
C8 ANP H . -25.13 -15.19 -13.85
N7 ANP H . -26.08 -16.05 -13.51
N7 ANP H . -26.09 -16.06 -13.54
C5 ANP H . -27.12 -15.31 -13.12
C5 ANP H . -27.12 -15.31 -13.13
C6 ANP H . -28.43 -15.72 -12.68
C6 ANP H . -28.43 -15.72 -12.67
N6 ANP H . -28.75 -17.03 -12.63
N6 ANP H . -28.74 -17.05 -12.63
N1 ANP H . -29.36 -14.74 -12.31
N1 ANP H . -29.34 -14.75 -12.28
C2 ANP H . -28.96 -13.43 -12.39
C2 ANP H . -28.95 -13.43 -12.35
N3 ANP H . -27.73 -13.03 -12.80
N3 ANP H . -27.73 -13.03 -12.78
C4 ANP H . -26.78 -13.94 -13.18
C4 ANP H . -26.78 -13.94 -13.17
N1 3GC I . -5.85 -13.72 -13.35
N1 3GC I . -5.81 -13.49 -13.40
CA1 3GC I . -6.54 -12.79 -12.43
CA1 3GC I . -6.54 -12.65 -12.44
C1 3GC I . -6.12 -12.97 -10.94
C1 3GC I . -6.12 -12.89 -10.96
O11 3GC I . -5.32 -13.86 -10.66
O11 3GC I . -5.31 -13.79 -10.72
O12 3GC I . -6.66 -12.17 -10.06
O12 3GC I . -6.65 -12.13 -10.05
CB1 3GC I . -8.08 -12.95 -12.60
CB1 3GC I . -8.08 -12.87 -12.63
CG1 3GC I . -8.60 -14.39 -12.28
CG1 3GC I . -8.52 -14.31 -12.22
CD1 3GC I . -10.13 -14.41 -12.50
CD1 3GC I . -10.05 -14.48 -12.44
OE1 3GC I . -10.62 -13.98 -13.57
OE1 3GC I . -10.63 -13.97 -13.42
N2 3GC I . -10.86 -14.92 -11.48
N2 3GC I . -10.66 -15.23 -11.50
CA2 3GC I . -12.34 -14.96 -11.60
CA2 3GC I . -12.10 -15.52 -11.58
C2 3GC I . -13.00 -14.52 -10.28
C2 3GC I . -12.86 -14.99 -10.35
O2 3GC I . -12.38 -14.52 -9.21
O2 3GC I . -12.28 -14.56 -9.35
CB2 3GC I . -12.82 -16.39 -11.97
CB2 3GC I . -12.28 -17.05 -11.70
SG2 3GC I . -12.50 -17.64 -10.68
SG2 3GC I . -11.29 -17.75 -13.06
O3 3GC I . -14.32 -14.18 -10.36
O3 3GC I . -14.20 -14.81 -10.51
MG MG J . 18.90 19.84 4.25
MG MG K . 17.03 23.40 5.70
S SO4 L . 41.73 41.57 8.07
O1 SO4 L . 43.10 41.48 8.60
O2 SO4 L . 41.27 40.23 7.65
O3 SO4 L . 40.82 42.08 9.13
O4 SO4 L . 41.71 42.49 6.92
S SO4 M . 42.35 12.74 3.28
O1 SO4 M . 43.73 13.20 3.00
O2 SO4 M . 42.34 11.27 3.42
O3 SO4 M . 41.87 13.36 4.53
O4 SO4 M . 41.46 13.14 2.18
S SO4 N . 6.38 -4.21 11.74
O1 SO4 N . 6.78 -3.02 12.52
O2 SO4 N . 6.69 -5.43 12.53
O3 SO4 N . 4.92 -4.16 11.46
O4 SO4 N . 7.12 -4.27 10.46
S SO4 O . 22.74 22.19 -3.33
O1 SO4 O . 23.74 21.50 -2.51
O2 SO4 O . 21.47 21.43 -3.30
O3 SO4 O . 22.50 23.55 -2.81
O4 SO4 O . 23.23 22.28 -4.72
PG ANP P . 16.43 22.26 2.86
O1G ANP P . 15.65 22.72 4.09
O2G ANP P . 17.31 21.09 3.06
O3G ANP P . 15.52 22.09 1.64
PB ANP P . 18.82 24.07 2.98
PB ANP P . 18.71 22.74 2.36
O1B ANP P . 18.73 24.13 4.45
O1B ANP P . 18.22 21.41 2.76
O2B ANP P . 19.25 25.38 2.39
O2B ANP P . 18.05 23.80 3.11
N3B ANP P . 17.42 23.57 2.54
N3B ANP P . 18.53 22.69 0.77
PA ANP P . 21.27 22.18 3.37
PA ANP P . 21.53 21.87 3.47
O1A ANP P . 21.99 22.99 4.39
O1A ANP P . 22.29 22.59 4.55
O2A ANP P . 20.75 20.91 3.84
O2A ANP P . 21.06 20.52 3.88
O3A ANP P . 20.10 23.02 2.69
O3A ANP P . 20.30 22.79 2.97
O5' ANP P . 22.21 21.91 2.09
O5' ANP P . 22.39 21.78 2.13
C5' ANP P . 21.58 21.12 1.05
C5' ANP P . 21.72 21.08 1.08
C4' ANP P . 22.51 19.93 0.69
C4' ANP P . 22.59 19.89 0.69
O4' ANP P . 23.82 20.47 0.54
O4' ANP P . 23.90 20.41 0.53
C3' ANP P . 22.77 18.94 1.76
C3' ANP P . 22.84 18.87 1.72
O3' ANP P . 21.87 17.89 1.94
O3' ANP P . 21.86 17.90 1.88
C2' ANP P . 24.17 18.46 1.38
C2' ANP P . 24.24 18.39 1.33
O2' ANP P . 24.24 17.51 0.33
O2' ANP P . 24.27 17.48 0.26
C1' ANP P . 24.92 19.66 0.95
C1' ANP P . 24.99 19.60 0.92
N9 ANP P . 25.80 20.24 2.05
N9 ANP P . 25.83 20.20 2.02
C8 ANP P . 25.44 21.22 2.92
C8 ANP P . 25.45 21.20 2.90
N7 ANP P . 26.43 21.51 3.76
N7 ANP P . 26.43 21.50 3.75
C5 ANP P . 27.44 20.70 3.42
C5 ANP P . 27.44 20.68 3.42
C6 ANP P . 28.75 20.59 4.01
C6 ANP P . 28.76 20.59 4.00
N6 ANP P . 29.07 21.40 5.05
N6 ANP P . 29.08 21.41 5.05
N1 ANP P . 29.66 19.65 3.49
N1 ANP P . 29.67 19.66 3.49
C2 ANP P . 29.23 18.88 2.43
C2 ANP P . 29.25 18.89 2.43
N3 ANP P . 28.00 18.98 1.88
N3 ANP P . 28.03 18.97 1.86
C4 ANP P . 27.06 19.87 2.34
C4 ANP P . 27.09 19.86 2.33
N1 3GC Q . 5.95 19.78 2.23
N1 3GC Q . 6.01 19.74 2.15
CA1 3GC Q . 6.64 18.49 2.13
CA1 3GC Q . 6.70 18.46 2.07
C1 3GC Q . 6.23 17.49 3.25
C1 3GC Q . 6.28 17.50 3.22
O11 3GC Q . 5.56 17.90 4.20
O11 3GC Q . 5.56 17.94 4.12
O12 3GC Q . 6.63 16.24 3.12
O12 3GC Q . 6.70 16.26 3.17
CB1 3GC Q . 8.18 18.74 2.13
CB1 3GC Q . 8.24 18.72 2.11
CG1 3GC Q . 8.70 19.38 3.45
CG1 3GC Q . 8.69 19.26 3.48
CD1 3GC Q . 10.23 19.59 3.32
CD1 3GC Q . 10.22 19.53 3.48
OE1 3GC Q . 10.71 20.10 2.28
OE1 3GC Q . 10.81 19.85 2.43
N2 3GC Q . 10.97 19.19 4.37
N2 3GC Q . 10.79 19.42 4.67
CA2 3GC Q . 12.44 19.34 4.35
CA2 3GC Q . 12.23 19.68 4.86
C2 3GC Q . 13.13 18.06 4.88
C2 3GC Q . 13.03 18.40 5.13
O2 3GC Q . 12.52 17.21 5.54
O2 3GC Q . 12.51 17.34 5.50
CB2 3GC Q . 12.87 20.57 5.19
CB2 3GC Q . 12.37 20.67 6.02
SG2 3GC Q . 12.65 20.34 6.98
SG2 3GC Q . 11.54 22.24 5.63
O3 3GC Q . 14.44 17.92 4.57
O3 3GC Q . 14.38 18.56 5.12
#